data_9JE9
#
_entry.id   9JE9
#
_cell.length_a   92.820
_cell.length_b   92.820
_cell.length_c   135.086
_cell.angle_alpha   90.00
_cell.angle_beta   90.00
_cell.angle_gamma   90.00
#
_symmetry.space_group_name_H-M   'P 43'
#
loop_
_entity.id
_entity.type
_entity.pdbx_description
1 polymer Amidase
2 water water
#
_entity_poly.entity_id   1
_entity_poly.type   'polypeptide(L)'
_entity_poly.pdbx_seq_one_letter_code
;MHHHHHHENLYFQGAGAGAGAGAMTAPSALATAAAVRAGETTALAETEAAIARIEAANPDLNAVVVKDYDRARDAARALD
ARIAEGFDAPLLGVPMTIKESFNVAGLPTTFGVEQFRDFVAAEDAVAVQRLKAAGTIILGKTNVPPRLADIQSNNPIYGR
TRNAFDPARVAGGSSGGSAVALASGMVPLEFGSDIGGSIRVPAAFNGVWGHKPTYGVLPTDGHFFPGTDFAKSVLSVIGP
LARDADDLEAALEIVADHPLAPAKRHGDQWRILLLVNAPKAKVQRAIRDAIDDLAERFRAQGATVDTASDRLPDLERQNA
AYEQMLNIAMSVRGPQPPGHEPPTLATWLHLHDEQARMQRQWRRLFETYDVVIAPTVGMTAFPHDDTPLPHRRLDIDGED
TPFLHQFAFPGLATLPMLPATSVPIGRDGDGLPIGVQVIADLYQDRTALAAARAAHALAWS
;
_entity_poly.pdbx_strand_id   A,B
#
# COMPACT_ATOMS: atom_id res chain seq x y z
N THR A 25 27.56 -26.76 6.93
CA THR A 25 26.76 -25.56 7.05
C THR A 25 25.27 -25.90 7.28
N ALA A 26 24.60 -25.06 8.07
CA ALA A 26 23.20 -25.31 8.39
C ALA A 26 22.32 -25.16 7.14
N PRO A 27 21.35 -26.04 6.95
CA PRO A 27 20.47 -25.93 5.77
C PRO A 27 19.57 -24.70 5.85
N SER A 28 19.26 -24.16 4.68
CA SER A 28 18.34 -23.04 4.56
C SER A 28 16.91 -23.46 4.86
N ALA A 29 16.06 -22.44 5.05
CA ALA A 29 14.64 -22.67 5.32
C ALA A 29 13.96 -23.37 4.16
N LEU A 30 14.16 -22.89 2.93
CA LEU A 30 13.51 -23.50 1.78
C LEU A 30 14.08 -24.89 1.49
N ALA A 31 15.36 -25.10 1.78
CA ALA A 31 15.93 -26.44 1.67
C ALA A 31 15.27 -27.39 2.67
N THR A 32 15.01 -26.92 3.89
CA THR A 32 14.31 -27.74 4.86
C THR A 32 12.92 -28.11 4.37
N ALA A 33 12.19 -27.14 3.81
CA ALA A 33 10.86 -27.41 3.31
C ALA A 33 10.89 -28.43 2.18
N ALA A 34 11.92 -28.38 1.32
CA ALA A 34 12.03 -29.35 0.23
C ALA A 34 12.26 -30.75 0.76
N ALA A 35 13.12 -30.91 1.77
CA ALA A 35 13.39 -32.22 2.32
C ALA A 35 12.17 -32.80 3.01
N VAL A 36 11.50 -32.02 3.86
CA VAL A 36 10.28 -32.50 4.50
C VAL A 36 9.24 -32.82 3.45
N ARG A 37 9.14 -31.98 2.41
CA ARG A 37 8.25 -32.27 1.30
C ARG A 37 8.65 -33.57 0.61
N ALA A 38 9.96 -33.81 0.45
CA ALA A 38 10.43 -35.03 -0.18
C ALA A 38 10.16 -36.26 0.67
N GLY A 39 10.08 -36.10 1.99
CA GLY A 39 10.00 -37.21 2.89
C GLY A 39 11.33 -37.73 3.38
N GLU A 40 12.43 -37.10 2.96
CA GLU A 40 13.74 -37.47 3.48
C GLU A 40 13.80 -37.27 4.98
N THR A 41 13.16 -36.22 5.47
CA THR A 41 13.09 -35.92 6.88
C THR A 41 11.66 -35.56 7.23
N THR A 42 11.38 -35.52 8.52
CA THR A 42 10.05 -35.20 9.01
C THR A 42 10.09 -33.92 9.83
N ALA A 43 8.93 -33.26 9.93
CA ALA A 43 8.87 -31.97 10.63
C ALA A 43 9.24 -32.12 12.10
N LEU A 44 8.80 -33.22 12.73
CA LEU A 44 9.17 -33.46 14.12
C LEU A 44 10.69 -33.59 14.25
N ALA A 45 11.32 -34.36 13.37
CA ALA A 45 12.76 -34.53 13.46
C ALA A 45 13.49 -33.21 13.27
N GLU A 46 13.05 -32.40 12.30
CA GLU A 46 13.66 -31.09 12.10
C GLU A 46 13.42 -30.19 13.30
N THR A 47 12.23 -30.25 13.88
CA THR A 47 11.97 -29.42 15.05
C THR A 47 12.85 -29.86 16.21
N GLU A 48 12.92 -31.17 16.46
CA GLU A 48 13.74 -31.68 17.57
C GLU A 48 15.20 -31.33 17.36
N ALA A 49 15.68 -31.48 16.13
CA ALA A 49 17.07 -31.15 15.83
C ALA A 49 17.35 -29.70 16.15
N ALA A 50 16.38 -28.82 15.90
CA ALA A 50 16.54 -27.42 16.24
C ALA A 50 16.71 -27.21 17.74
N ILE A 51 15.86 -27.86 18.57
CA ILE A 51 15.99 -27.64 20.01
C ILE A 51 17.32 -28.18 20.52
N ALA A 52 17.80 -29.27 19.93
CA ALA A 52 19.16 -29.73 20.26
C ALA A 52 20.17 -28.63 19.94
N ARG A 53 20.00 -27.97 18.79
CA ARG A 53 20.90 -26.87 18.45
C ARG A 53 20.77 -25.71 19.42
N ILE A 54 19.54 -25.38 19.84
CA ILE A 54 19.38 -24.24 20.75
C ILE A 54 19.92 -24.56 22.13
N GLU A 55 19.67 -25.77 22.63
CA GLU A 55 20.14 -26.08 23.97
C GLU A 55 21.65 -26.16 24.03
N ALA A 56 22.29 -26.65 22.96
CA ALA A 56 23.74 -26.76 22.95
C ALA A 56 24.42 -25.39 22.96
N ALA A 57 23.93 -24.46 22.13
CA ALA A 57 24.60 -23.18 21.89
C ALA A 57 24.04 -22.02 22.71
N ASN A 58 22.83 -22.15 23.26
CA ASN A 58 22.15 -21.01 23.88
C ASN A 58 22.68 -20.61 25.26
N PRO A 59 23.17 -21.52 26.12
CA PRO A 59 23.58 -21.08 27.46
C PRO A 59 24.59 -19.97 27.38
N ASP A 60 25.40 -20.04 26.34
CA ASP A 60 26.60 -19.23 26.23
C ASP A 60 26.32 -17.81 25.69
N LEU A 61 25.20 -17.64 24.96
CA LEU A 61 24.87 -16.32 24.37
C LEU A 61 23.47 -15.83 24.82
N ASN A 62 22.64 -16.71 25.40
CA ASN A 62 21.32 -16.29 25.94
C ASN A 62 20.47 -15.62 24.85
N ALA A 63 20.51 -16.14 23.62
CA ALA A 63 19.74 -15.58 22.49
C ALA A 63 18.22 -15.68 22.71
N VAL A 64 17.72 -16.79 23.26
CA VAL A 64 16.23 -16.93 23.32
C VAL A 64 15.69 -16.70 24.74
N VAL A 65 14.89 -15.64 24.92
CA VAL A 65 14.21 -15.37 26.23
C VAL A 65 13.18 -16.43 26.61
N VAL A 66 12.38 -16.91 25.65
CA VAL A 66 11.23 -17.81 26.00
C VAL A 66 11.33 -19.14 25.21
N LYS A 67 11.05 -20.26 25.88
CA LYS A 67 11.12 -21.55 25.20
C LYS A 67 9.75 -22.22 25.27
N ASP A 68 9.27 -22.66 24.11
CA ASP A 68 7.94 -23.26 23.96
C ASP A 68 8.05 -24.66 23.39
N TYR A 69 9.06 -25.41 23.83
CA TYR A 69 9.42 -26.68 23.20
C TYR A 69 8.26 -27.64 23.06
N ASP A 70 7.46 -27.80 24.11
CA ASP A 70 6.56 -28.96 24.15
C ASP A 70 5.32 -28.73 23.31
N ARG A 71 4.82 -27.50 23.24
CA ARG A 71 3.75 -27.24 22.27
C ARG A 71 4.28 -27.29 20.86
N ALA A 72 5.54 -26.88 20.66
CA ALA A 72 6.14 -26.93 19.35
C ALA A 72 6.23 -28.35 18.81
N ARG A 73 6.57 -29.31 19.68
CA ARG A 73 6.69 -30.66 19.18
C ARG A 73 5.33 -31.27 18.91
N ASP A 74 4.32 -30.89 19.68
CA ASP A 74 2.97 -31.35 19.35
C ASP A 74 2.45 -30.65 18.10
N ALA A 75 2.82 -29.39 17.91
CA ALA A 75 2.53 -28.73 16.65
C ALA A 75 3.23 -29.46 15.50
N ALA A 76 4.47 -29.88 15.71
CA ALA A 76 5.19 -30.61 14.67
C ALA A 76 4.47 -31.90 14.32
N ARG A 77 4.12 -32.71 15.34
CA ARG A 77 3.46 -34.00 15.07
C ARG A 77 2.18 -33.81 14.28
N ALA A 78 1.38 -32.80 14.64
CA ALA A 78 0.15 -32.53 13.89
C ALA A 78 0.46 -32.23 12.43
N LEU A 79 1.58 -31.55 12.18
CA LEU A 79 1.97 -31.23 10.81
C LEU A 79 2.29 -32.48 10.00
N ASP A 80 3.05 -33.43 10.58
CA ASP A 80 3.36 -34.65 9.82
C ASP A 80 2.11 -35.48 9.55
N ALA A 81 1.14 -35.45 10.46
CA ALA A 81 -0.15 -36.07 10.17
C ALA A 81 -0.76 -35.47 8.91
N ARG A 82 -0.60 -34.15 8.74
CA ARG A 82 -1.10 -33.49 7.55
C ARG A 82 -0.18 -33.67 6.33
N ILE A 83 1.11 -33.91 6.51
CA ILE A 83 1.89 -34.27 5.34
C ILE A 83 1.47 -35.65 4.84
N ALA A 84 1.02 -36.51 5.76
CA ALA A 84 0.48 -37.81 5.38
C ALA A 84 -0.77 -37.67 4.50
N GLU A 85 -1.61 -36.66 4.74
CA GLU A 85 -2.76 -36.46 3.88
C GLU A 85 -2.40 -35.76 2.56
N GLY A 86 -1.14 -35.38 2.38
CA GLY A 86 -0.70 -34.70 1.17
C GLY A 86 -0.68 -33.19 1.25
N PHE A 87 -0.91 -32.61 2.43
CA PHE A 87 -0.82 -31.17 2.64
C PHE A 87 0.59 -30.67 2.34
N ASP A 88 0.67 -29.56 1.59
CA ASP A 88 1.95 -28.99 1.20
C ASP A 88 1.96 -27.50 1.50
N ALA A 89 3.12 -26.99 1.92
CA ALA A 89 3.26 -25.60 2.30
C ALA A 89 4.61 -25.06 1.83
N PRO A 90 4.69 -23.76 1.51
CA PRO A 90 5.95 -23.20 1.02
C PRO A 90 7.10 -23.25 2.02
N LEU A 91 6.83 -23.11 3.32
CA LEU A 91 7.84 -23.25 4.37
C LEU A 91 7.55 -24.44 5.27
N LEU A 92 7.05 -25.52 4.68
CA LEU A 92 6.64 -26.71 5.39
C LEU A 92 7.71 -27.23 6.35
N GLY A 93 7.33 -27.36 7.61
CA GLY A 93 8.18 -28.01 8.60
C GLY A 93 9.43 -27.27 8.99
N VAL A 94 9.43 -25.95 8.90
CA VAL A 94 10.63 -25.15 9.16
C VAL A 94 10.63 -24.73 10.62
N PRO A 95 11.62 -25.14 11.41
CA PRO A 95 11.72 -24.66 12.79
C PRO A 95 12.12 -23.20 12.79
N MET A 96 11.54 -22.43 13.70
CA MET A 96 11.75 -20.99 13.64
C MET A 96 11.58 -20.37 15.03
N THR A 97 12.15 -19.18 15.18
CA THR A 97 12.01 -18.34 16.36
C THR A 97 11.63 -16.94 15.93
N ILE A 98 11.05 -16.15 16.85
CA ILE A 98 10.67 -14.78 16.56
C ILE A 98 11.09 -13.87 17.69
N LYS A 99 11.21 -12.58 17.37
CA LYS A 99 11.49 -11.60 18.39
C LYS A 99 10.36 -11.61 19.42
N GLU A 100 10.69 -11.25 20.66
CA GLU A 100 9.72 -11.38 21.73
C GLU A 100 8.54 -10.43 21.57
N SER A 101 8.75 -9.32 20.89
CA SER A 101 7.69 -8.34 20.72
C SER A 101 6.48 -8.89 19.98
N PHE A 102 6.67 -9.94 19.18
CA PHE A 102 5.53 -10.59 18.53
C PHE A 102 4.68 -11.35 19.54
N ASN A 103 3.38 -11.37 19.29
CA ASN A 103 2.44 -12.08 20.16
C ASN A 103 2.29 -13.52 19.67
N VAL A 104 2.54 -14.47 20.56
CA VAL A 104 2.26 -15.87 20.30
C VAL A 104 1.21 -16.28 21.32
N ALA A 105 0.17 -16.96 20.86
CA ALA A 105 -0.92 -17.36 21.74
C ALA A 105 -0.39 -18.26 22.85
N GLY A 106 -0.82 -17.99 24.07
CA GLY A 106 -0.34 -18.73 25.22
C GLY A 106 1.00 -18.30 25.79
N LEU A 107 1.63 -17.26 25.26
CA LEU A 107 2.94 -16.89 25.78
C LEU A 107 3.04 -15.40 26.07
N PRO A 108 3.87 -15.02 27.04
CA PRO A 108 4.04 -13.62 27.38
C PRO A 108 4.92 -12.88 26.39
N THR A 109 4.74 -11.56 26.36
CA THR A 109 5.65 -10.67 25.61
C THR A 109 6.14 -9.74 26.68
N THR A 110 7.00 -10.22 27.59
CA THR A 110 7.39 -9.44 28.79
C THR A 110 8.12 -8.15 28.48
N PHE A 111 9.01 -8.13 27.49
CA PHE A 111 9.84 -6.91 27.19
C PHE A 111 10.72 -6.58 28.39
N GLY A 112 11.15 -7.60 29.14
CA GLY A 112 12.07 -7.36 30.27
C GLY A 112 11.39 -6.72 31.45
N VAL A 113 10.05 -6.74 31.50
CA VAL A 113 9.36 -6.20 32.70
C VAL A 113 8.70 -7.37 33.46
N GLU A 114 9.00 -7.51 34.75
CA GLU A 114 8.47 -8.65 35.54
C GLU A 114 6.94 -8.58 35.61
N GLN A 115 6.39 -7.38 35.80
CA GLN A 115 4.92 -7.26 35.96
C GLN A 115 4.25 -7.84 34.71
N PHE A 116 4.84 -7.59 33.53
CA PHE A 116 4.24 -8.10 32.31
C PHE A 116 4.37 -9.59 32.17
N ARG A 117 5.13 -10.26 33.04
CA ARG A 117 5.20 -11.70 32.91
C ARG A 117 3.86 -12.32 33.24
N ASP A 118 3.08 -11.68 34.10
CA ASP A 118 1.76 -12.20 34.48
C ASP A 118 0.90 -12.49 33.26
N PHE A 119 0.96 -11.63 32.25
CA PHE A 119 0.04 -11.71 31.12
C PHE A 119 0.55 -12.54 29.97
N VAL A 120 -0.40 -13.13 29.29
CA VAL A 120 -0.17 -13.98 28.13
C VAL A 120 -0.95 -13.44 26.95
N ALA A 121 -0.35 -13.49 25.77
CA ALA A 121 -1.07 -13.06 24.57
C ALA A 121 -2.17 -14.06 24.27
N ALA A 122 -3.37 -13.56 23.98
CA ALA A 122 -4.48 -14.48 23.69
C ALA A 122 -4.33 -15.11 22.31
N GLU A 123 -3.94 -14.35 21.31
CA GLU A 123 -3.90 -14.88 19.96
C GLU A 123 -2.63 -14.43 19.24
N ASP A 124 -2.28 -15.20 18.21
CA ASP A 124 -1.07 -14.96 17.45
C ASP A 124 -1.13 -13.64 16.69
N ALA A 125 0.03 -13.04 16.46
CA ALA A 125 0.11 -11.92 15.54
C ALA A 125 -0.24 -12.40 14.14
N VAL A 126 -0.67 -11.47 13.30
CA VAL A 126 -1.04 -11.85 11.95
C VAL A 126 0.15 -12.48 11.23
N ALA A 127 1.33 -11.89 11.39
CA ALA A 127 2.52 -12.46 10.76
C ALA A 127 2.74 -13.88 11.20
N VAL A 128 2.55 -14.15 12.50
CA VAL A 128 2.72 -15.50 13.03
C VAL A 128 1.70 -16.45 12.41
N GLN A 129 0.45 -16.02 12.29
CA GLN A 129 -0.57 -16.89 11.70
C GLN A 129 -0.20 -17.24 10.27
N ARG A 130 0.25 -16.24 9.51
CA ARG A 130 0.61 -16.51 8.12
C ARG A 130 1.82 -17.44 8.03
N LEU A 131 2.82 -17.24 8.90
CA LEU A 131 3.94 -18.16 8.89
C LEU A 131 3.54 -19.57 9.31
N LYS A 132 2.73 -19.73 10.37
CA LYS A 132 2.35 -21.10 10.72
C LYS A 132 1.42 -21.71 9.69
N ALA A 133 0.56 -20.91 9.08
CA ALA A 133 -0.20 -21.41 7.93
C ALA A 133 0.74 -21.78 6.78
N ALA A 134 1.89 -21.12 6.66
CA ALA A 134 2.92 -21.54 5.72
C ALA A 134 3.69 -22.77 6.19
N GLY A 135 3.41 -23.29 7.38
CA GLY A 135 4.04 -24.52 7.82
C GLY A 135 5.20 -24.37 8.78
N THR A 136 5.50 -23.17 9.25
CA THR A 136 6.57 -23.01 10.24
C THR A 136 6.14 -23.50 11.62
N ILE A 137 7.11 -23.97 12.39
CA ILE A 137 6.94 -24.37 13.78
C ILE A 137 7.67 -23.36 14.64
N ILE A 138 6.94 -22.65 15.51
CA ILE A 138 7.53 -21.59 16.31
C ILE A 138 8.04 -22.22 17.60
N LEU A 139 9.37 -22.40 17.67
CA LEU A 139 9.93 -23.04 18.85
C LEU A 139 9.94 -22.09 20.04
N GLY A 140 10.24 -20.82 19.82
CA GLY A 140 10.39 -19.91 20.94
C GLY A 140 10.46 -18.47 20.46
N LYS A 141 10.67 -17.57 21.41
CA LYS A 141 10.86 -16.16 21.14
C LYS A 141 12.27 -15.75 21.55
N THR A 142 12.79 -14.68 20.94
CA THR A 142 14.19 -14.31 21.11
C THR A 142 14.36 -12.99 21.86
N ASN A 143 15.43 -12.92 22.64
CA ASN A 143 15.66 -11.74 23.52
C ASN A 143 15.69 -10.43 22.74
N VAL A 144 15.05 -9.40 23.29
CA VAL A 144 15.21 -8.08 22.63
C VAL A 144 16.15 -7.25 23.51
N PRO A 145 17.38 -6.95 23.06
CA PRO A 145 18.28 -6.06 23.80
C PRO A 145 17.82 -4.61 23.68
N PRO A 146 18.13 -3.75 24.67
CA PRO A 146 17.80 -2.34 24.55
C PRO A 146 18.56 -1.72 23.39
N ARG A 147 17.91 -0.83 22.65
CA ARG A 147 18.55 -0.16 21.48
C ARG A 147 20.07 -0.12 21.67
N PRO A 167 31.30 -13.10 22.05
CA PRO A 167 30.80 -12.85 23.40
C PRO A 167 31.07 -11.41 23.86
N ALA A 168 32.29 -10.94 23.62
CA ALA A 168 32.61 -9.55 23.93
C ALA A 168 31.80 -8.60 23.04
N ARG A 169 31.51 -9.00 21.81
CA ARG A 169 30.88 -8.12 20.86
C ARG A 169 29.38 -8.03 21.11
N VAL A 170 28.79 -6.88 20.76
CA VAL A 170 27.36 -6.68 20.98
C VAL A 170 26.57 -7.35 19.85
N ALA A 171 25.36 -7.80 20.19
CA ALA A 171 24.38 -8.13 19.15
C ALA A 171 23.95 -6.88 18.39
N GLY A 172 23.88 -5.74 19.07
CA GLY A 172 23.75 -4.45 18.43
C GLY A 172 22.35 -3.95 18.17
N GLY A 173 21.32 -4.66 18.62
CA GLY A 173 19.97 -4.17 18.34
C GLY A 173 18.91 -4.88 19.15
N SER A 174 17.69 -4.32 19.04
CA SER A 174 16.51 -4.96 19.63
C SER A 174 16.30 -6.35 19.06
N SER A 175 16.51 -6.55 17.76
CA SER A 175 16.41 -7.87 17.16
C SER A 175 17.72 -8.64 17.28
N GLY A 176 18.64 -8.16 18.13
CA GLY A 176 19.95 -8.79 18.22
C GLY A 176 19.89 -10.26 18.56
N GLY A 177 18.96 -10.65 19.43
CA GLY A 177 18.77 -12.07 19.70
C GLY A 177 18.41 -12.84 18.45
N SER A 178 17.72 -12.20 17.52
CA SER A 178 17.32 -12.87 16.28
C SER A 178 18.54 -13.15 15.39
N ALA A 179 19.38 -12.14 15.18
CA ALA A 179 20.57 -12.34 14.36
C ALA A 179 21.49 -13.37 15.00
N VAL A 180 21.63 -13.32 16.32
CA VAL A 180 22.50 -14.26 17.03
C VAL A 180 21.96 -15.67 16.90
N ALA A 181 20.64 -15.82 16.93
CA ALA A 181 20.06 -17.15 16.80
C ALA A 181 20.34 -17.76 15.43
N LEU A 182 20.29 -16.95 14.36
CA LEU A 182 20.56 -17.52 13.03
C LEU A 182 22.05 -17.63 12.78
N ALA A 183 22.85 -16.72 13.35
CA ALA A 183 24.30 -16.84 13.21
C ALA A 183 24.79 -18.12 13.87
N SER A 184 24.17 -18.53 14.97
CA SER A 184 24.48 -19.79 15.62
C SER A 184 24.11 -20.98 14.76
N GLY A 185 23.14 -20.82 13.88
CA GLY A 185 22.63 -21.92 13.11
C GLY A 185 21.50 -22.67 13.79
N MET A 186 21.05 -22.18 14.95
CA MET A 186 19.88 -22.75 15.62
C MET A 186 18.72 -22.91 14.65
N VAL A 187 18.29 -21.82 14.05
CA VAL A 187 17.08 -21.81 13.21
C VAL A 187 17.39 -21.18 11.86
N PRO A 188 16.81 -21.69 10.78
CA PRO A 188 17.00 -21.05 9.46
C PRO A 188 16.33 -19.68 9.31
N LEU A 189 15.17 -19.48 9.94
CA LEU A 189 14.32 -18.31 9.69
C LEU A 189 13.93 -17.62 11.00
N GLU A 190 13.81 -16.29 10.94
CA GLU A 190 13.41 -15.49 12.09
C GLU A 190 12.74 -14.19 11.62
N PHE A 191 12.06 -13.48 12.55
CA PHE A 191 11.38 -12.22 12.26
C PHE A 191 11.65 -11.19 13.34
N GLY A 192 11.66 -9.92 12.92
CA GLY A 192 12.11 -8.83 13.75
C GLY A 192 11.32 -7.58 13.44
N SER A 193 11.71 -6.49 14.07
CA SER A 193 11.09 -5.18 13.91
C SER A 193 12.16 -4.12 13.71
N ASP A 194 11.84 -3.08 12.94
CA ASP A 194 12.81 -2.04 12.64
C ASP A 194 12.17 -0.67 12.77
N ILE A 195 12.73 0.18 13.64
CA ILE A 195 12.42 1.59 13.68
C ILE A 195 13.68 2.45 13.50
N GLY A 196 14.77 2.04 14.11
CA GLY A 196 16.04 2.74 14.04
C GLY A 196 17.14 1.84 13.52
N GLY A 197 16.80 0.88 12.66
CA GLY A 197 17.77 -0.09 12.19
C GLY A 197 17.83 -1.40 12.95
N SER A 198 16.82 -1.70 13.77
CA SER A 198 16.85 -2.91 14.59
C SER A 198 16.82 -4.20 13.75
N ILE A 199 16.32 -4.15 12.51
CA ILE A 199 16.46 -5.32 11.64
C ILE A 199 17.82 -5.33 10.96
N ARG A 200 18.21 -4.21 10.34
CA ARG A 200 19.38 -4.20 9.48
C ARG A 200 20.69 -4.27 10.27
N VAL A 201 20.81 -3.47 11.33
CA VAL A 201 22.09 -3.35 12.03
C VAL A 201 22.46 -4.66 12.73
N PRO A 202 21.54 -5.33 13.45
CA PRO A 202 21.90 -6.63 14.04
C PRO A 202 22.29 -7.67 13.01
N ALA A 203 21.64 -7.67 11.85
CA ALA A 203 22.01 -8.63 10.80
C ALA A 203 23.44 -8.40 10.35
N ALA A 204 23.80 -7.14 10.10
CA ALA A 204 25.15 -6.82 9.68
C ALA A 204 26.17 -7.20 10.74
N PHE A 205 25.88 -6.90 12.01
CA PHE A 205 26.84 -7.19 13.07
C PHE A 205 27.13 -8.67 13.19
N ASN A 206 26.15 -9.51 12.90
CA ASN A 206 26.30 -10.95 13.01
C ASN A 206 26.43 -11.65 11.67
N GLY A 207 26.67 -10.91 10.59
CA GLY A 207 26.91 -11.53 9.29
C GLY A 207 25.77 -12.39 8.78
N VAL A 208 24.53 -11.93 8.93
CA VAL A 208 23.36 -12.63 8.40
C VAL A 208 22.51 -11.61 7.65
N TRP A 209 21.49 -12.11 6.95
CA TRP A 209 20.65 -11.26 6.12
C TRP A 209 19.43 -10.73 6.88
N GLY A 210 19.03 -9.53 6.55
CA GLY A 210 17.77 -8.99 7.03
C GLY A 210 17.12 -8.08 6.00
N HIS A 211 15.81 -8.04 6.01
CA HIS A 211 15.07 -7.19 5.08
C HIS A 211 14.15 -6.27 5.86
N LYS A 212 14.27 -4.98 5.56
CA LYS A 212 13.41 -3.94 6.10
C LYS A 212 12.43 -3.58 5.01
N PRO A 213 11.16 -3.97 5.10
CA PRO A 213 10.24 -3.82 3.99
C PRO A 213 9.73 -2.40 3.80
N THR A 214 9.13 -2.19 2.64
CA THR A 214 8.36 -0.99 2.41
C THR A 214 7.33 -0.87 3.52
N TYR A 215 7.10 0.36 3.98
CA TYR A 215 6.19 0.60 5.08
C TYR A 215 4.77 0.19 4.72
N GLY A 216 4.11 -0.51 5.65
CA GLY A 216 2.70 -0.81 5.53
C GLY A 216 2.36 -2.05 4.74
N VAL A 217 3.34 -2.77 4.20
CA VAL A 217 3.00 -3.97 3.44
C VAL A 217 3.01 -5.20 4.33
N LEU A 218 3.79 -5.20 5.39
CA LEU A 218 3.69 -6.35 6.27
C LEU A 218 2.86 -5.96 7.48
N PRO A 219 1.81 -6.70 7.83
CA PRO A 219 0.89 -6.25 8.89
C PRO A 219 1.55 -6.22 10.25
N THR A 220 1.37 -5.11 10.97
CA THR A 220 1.99 -4.87 12.26
C THR A 220 1.22 -5.46 13.43
N ASP A 221 -0.05 -5.81 13.23
CA ASP A 221 -0.94 -6.15 14.34
C ASP A 221 -0.51 -7.44 15.02
N GLY A 222 -0.58 -7.44 16.35
CA GLY A 222 -0.03 -8.50 17.16
C GLY A 222 1.44 -8.34 17.44
N HIS A 223 2.04 -7.23 17.00
CA HIS A 223 3.43 -6.95 17.30
C HIS A 223 3.49 -5.69 18.13
N PHE A 224 4.11 -5.77 19.29
CA PHE A 224 4.19 -4.63 20.20
C PHE A 224 5.51 -3.91 19.94
N PHE A 225 5.41 -2.69 19.43
CA PHE A 225 6.66 -1.99 19.01
C PHE A 225 7.43 -1.51 20.23
N PRO A 226 8.72 -1.88 20.33
CA PRO A 226 9.54 -1.50 21.48
C PRO A 226 9.79 -0.01 21.57
N GLY A 227 9.79 0.54 22.79
CA GLY A 227 10.15 1.96 22.97
C GLY A 227 9.29 2.89 22.14
N THR A 228 7.98 2.63 22.05
CA THR A 228 7.18 3.49 21.17
C THR A 228 6.23 4.32 21.99
N ASP A 229 6.23 5.63 21.78
CA ASP A 229 5.28 6.52 22.49
C ASP A 229 3.87 6.13 22.05
N PHE A 230 3.69 5.84 20.77
CA PHE A 230 2.35 5.49 20.22
C PHE A 230 2.40 4.08 19.64
N ALA A 231 1.40 3.25 19.95
CA ALA A 231 1.32 1.87 19.41
C ALA A 231 1.12 1.97 17.89
N LYS A 232 1.62 1.00 17.12
CA LYS A 232 1.56 1.13 15.63
C LYS A 232 2.28 2.44 15.28
N SER A 233 3.42 2.69 15.91
CA SER A 233 4.15 3.97 15.69
C SER A 233 4.56 4.08 14.22
N VAL A 234 4.50 5.29 13.67
CA VAL A 234 4.85 5.51 12.25
C VAL A 234 6.32 5.13 12.00
N LEU A 235 6.73 5.08 10.73
CA LEU A 235 8.09 4.75 10.36
C LEU A 235 8.43 3.29 10.65
N SER A 236 7.64 2.58 11.45
CA SER A 236 8.03 1.28 12.00
C SER A 236 7.53 0.14 11.11
N VAL A 237 8.33 -0.92 11.02
CA VAL A 237 8.00 -2.08 10.20
C VAL A 237 8.43 -3.34 10.93
N ILE A 238 7.83 -4.44 10.55
CA ILE A 238 8.30 -5.78 10.90
C ILE A 238 8.97 -6.40 9.67
N GLY A 239 10.01 -7.21 9.89
CA GLY A 239 10.73 -7.82 8.80
C GLY A 239 11.38 -9.16 9.06
N PRO A 240 11.63 -9.91 7.98
CA PRO A 240 12.27 -11.21 8.10
C PRO A 240 13.78 -11.11 8.26
N LEU A 241 14.35 -12.12 8.89
CA LEU A 241 15.80 -12.29 9.03
C LEU A 241 16.14 -13.71 8.62
N ALA A 242 17.26 -13.87 7.92
CA ALA A 242 17.61 -15.16 7.36
C ALA A 242 19.10 -15.18 7.09
N ARG A 243 19.57 -16.37 6.69
CA ARG A 243 20.95 -16.54 6.23
C ARG A 243 21.12 -16.41 4.72
N ASP A 244 20.05 -16.52 3.93
CA ASP A 244 20.18 -16.30 2.48
C ASP A 244 19.01 -15.47 1.97
N ALA A 245 19.21 -14.91 0.77
CA ALA A 245 18.24 -14.00 0.17
C ALA A 245 16.93 -14.70 -0.15
N ASP A 246 16.99 -15.96 -0.58
CA ASP A 246 15.78 -16.66 -1.01
C ASP A 246 14.80 -16.83 0.15
N ASP A 247 15.33 -17.23 1.33
CA ASP A 247 14.49 -17.35 2.52
C ASP A 247 13.85 -16.02 2.89
N LEU A 248 14.61 -14.92 2.79
CA LEU A 248 14.05 -13.60 3.07
C LEU A 248 12.87 -13.30 2.16
N GLU A 249 13.02 -13.55 0.87
CA GLU A 249 11.95 -13.24 -0.06
C GLU A 249 10.74 -14.15 0.18
N ALA A 250 10.98 -15.43 0.48
CA ALA A 250 9.88 -16.35 0.74
C ALA A 250 9.05 -15.89 1.94
N ALA A 251 9.70 -15.57 3.05
CA ALA A 251 8.96 -15.11 4.23
C ALA A 251 8.24 -13.81 3.93
N LEU A 252 8.87 -12.94 3.14
CA LEU A 252 8.27 -11.65 2.83
C LEU A 252 6.95 -11.81 2.11
N GLU A 253 6.91 -12.68 1.09
CA GLU A 253 5.69 -12.81 0.31
C GLU A 253 4.59 -13.54 1.09
N ILE A 254 4.96 -14.41 2.02
CA ILE A 254 3.96 -15.10 2.83
C ILE A 254 3.24 -14.12 3.76
N VAL A 255 4.01 -13.27 4.46
CA VAL A 255 3.45 -12.39 5.48
C VAL A 255 2.78 -11.13 4.89
N ALA A 256 3.19 -10.67 3.71
CA ALA A 256 2.70 -9.41 3.14
C ALA A 256 1.19 -9.44 2.90
N ASP A 257 0.55 -8.26 3.06
CA ASP A 257 -0.89 -8.11 2.79
C ASP A 257 -1.25 -8.23 1.31
N HIS A 258 -0.35 -7.85 0.41
CA HIS A 258 -0.62 -7.85 -1.02
C HIS A 258 0.63 -8.34 -1.75
N PRO A 259 0.47 -8.78 -2.99
CA PRO A 259 1.64 -9.25 -3.74
C PRO A 259 2.60 -8.09 -4.01
N LEU A 260 3.86 -8.46 -4.22
CA LEU A 260 4.93 -7.51 -4.45
C LEU A 260 5.52 -7.76 -5.84
N ALA A 261 5.73 -6.68 -6.61
CA ALA A 261 6.23 -6.84 -7.97
C ALA A 261 7.63 -7.45 -7.99
N PRO A 262 7.96 -8.21 -9.04
CA PRO A 262 9.29 -8.83 -9.11
C PRO A 262 10.38 -7.81 -9.43
N ALA A 263 11.61 -8.29 -9.29
CA ALA A 263 12.77 -7.42 -9.52
C ALA A 263 12.75 -6.86 -10.94
N LYS A 264 12.98 -5.55 -11.06
CA LYS A 264 13.01 -4.87 -12.33
C LYS A 264 14.17 -3.88 -12.34
N ARG A 265 14.68 -3.62 -13.53
CA ARG A 265 15.77 -2.68 -13.71
C ARG A 265 15.37 -1.75 -14.85
N HIS A 266 15.84 -0.51 -14.78
CA HIS A 266 15.65 0.39 -15.92
C HIS A 266 16.27 -0.18 -17.19
N GLY A 267 17.50 -0.73 -17.09
CA GLY A 267 18.22 -1.20 -18.25
C GLY A 267 18.80 -2.59 -18.03
N ASP A 268 19.42 -3.12 -19.08
CA ASP A 268 20.04 -4.44 -19.06
C ASP A 268 21.02 -4.64 -17.91
N GLN A 269 21.61 -3.57 -17.39
CA GLN A 269 22.61 -3.70 -16.33
C GLN A 269 22.12 -2.99 -15.09
N TRP A 270 22.66 -3.38 -13.92
CA TRP A 270 22.37 -2.66 -12.70
C TRP A 270 22.87 -1.22 -12.81
N ARG A 271 22.08 -0.28 -12.31
CA ARG A 271 22.50 1.11 -12.16
C ARG A 271 22.40 1.45 -10.69
N ILE A 272 23.54 1.69 -10.06
CA ILE A 272 23.65 1.77 -8.61
C ILE A 272 24.26 3.11 -8.22
N LEU A 273 23.84 3.63 -7.07
CA LEU A 273 24.47 4.79 -6.48
C LEU A 273 25.01 4.41 -5.12
N LEU A 274 26.28 4.71 -4.88
CA LEU A 274 26.84 4.57 -3.56
C LEU A 274 26.48 5.80 -2.75
N LEU A 275 26.11 5.58 -1.49
CA LEU A 275 25.86 6.64 -0.52
C LEU A 275 26.66 6.32 0.72
N VAL A 276 27.95 6.67 0.71
CA VAL A 276 28.78 6.48 1.88
C VAL A 276 28.83 7.73 2.78
N ASN A 277 28.68 8.92 2.23
CA ASN A 277 28.77 10.15 3.01
C ASN A 277 27.36 10.60 3.38
N ALA A 278 27.09 10.66 4.66
CA ALA A 278 25.83 11.12 5.20
C ALA A 278 26.09 12.32 6.10
N PRO A 279 25.11 13.20 6.30
CA PRO A 279 25.38 14.42 7.07
C PRO A 279 25.80 14.09 8.49
N LYS A 280 26.93 14.67 8.91
CA LYS A 280 27.49 14.53 10.25
C LYS A 280 27.65 13.07 10.67
N ALA A 281 27.95 12.17 9.73
CA ALA A 281 28.12 10.75 10.04
C ALA A 281 29.44 10.26 9.48
N LYS A 282 30.19 9.53 10.30
CA LYS A 282 31.53 9.07 9.97
C LYS A 282 31.53 7.56 9.84
N VAL A 283 32.23 7.06 8.82
CA VAL A 283 32.24 5.64 8.48
C VAL A 283 33.66 5.11 8.64
N GLN A 284 33.77 3.93 9.25
CA GLN A 284 35.05 3.27 9.35
C GLN A 284 35.64 3.00 7.98
N ARG A 285 36.97 3.06 7.90
CA ARG A 285 37.65 2.91 6.61
C ARG A 285 37.43 1.53 6.03
N ALA A 286 37.37 0.50 6.89
CA ALA A 286 37.19 -0.87 6.44
C ALA A 286 35.87 -1.05 5.70
N ILE A 287 34.81 -0.37 6.17
CA ILE A 287 33.51 -0.41 5.49
C ILE A 287 33.58 0.36 4.19
N ARG A 288 34.17 1.55 4.22
CA ARG A 288 34.31 2.33 2.99
C ARG A 288 35.10 1.58 1.94
N ASP A 289 36.12 0.83 2.37
CA ASP A 289 36.89 0.00 1.45
C ASP A 289 36.06 -1.17 0.92
N ALA A 290 35.33 -1.84 1.80
CA ALA A 290 34.50 -2.97 1.36
C ALA A 290 33.48 -2.53 0.32
N ILE A 291 32.91 -1.33 0.48
CA ILE A 291 31.96 -0.83 -0.50
C ILE A 291 32.67 -0.51 -1.82
N ASP A 292 33.87 0.06 -1.75
CA ASP A 292 34.61 0.39 -2.96
C ASP A 292 34.97 -0.86 -3.78
N ASP A 293 35.37 -1.97 -3.11
CA ASP A 293 35.69 -3.21 -3.82
C ASP A 293 34.44 -3.81 -4.47
N LEU A 294 33.31 -3.82 -3.75
CA LEU A 294 32.08 -4.30 -4.33
C LEU A 294 31.70 -3.48 -5.56
N ALA A 295 31.92 -2.17 -5.51
CA ALA A 295 31.62 -1.34 -6.67
C ALA A 295 32.49 -1.71 -7.87
N GLU A 296 33.78 -2.00 -7.64
CA GLU A 296 34.65 -2.38 -8.76
C GLU A 296 34.19 -3.70 -9.38
N ARG A 297 33.82 -4.68 -8.56
CA ARG A 297 33.36 -5.95 -9.09
C ARG A 297 32.06 -5.79 -9.87
N PHE A 298 31.17 -4.92 -9.40
CA PHE A 298 29.95 -4.65 -10.15
C PHE A 298 30.27 -4.02 -11.50
N ARG A 299 31.25 -3.11 -11.52
CA ARG A 299 31.61 -2.46 -12.77
C ARG A 299 32.21 -3.46 -13.75
N ALA A 300 33.02 -4.40 -13.25
CA ALA A 300 33.57 -5.41 -14.14
C ALA A 300 32.45 -6.19 -14.83
N GLN A 301 31.38 -6.51 -14.10
CA GLN A 301 30.33 -7.29 -14.73
C GLN A 301 29.45 -6.47 -15.67
N GLY A 302 29.58 -5.16 -15.67
CA GLY A 302 28.79 -4.32 -16.56
C GLY A 302 27.83 -3.36 -15.87
N ALA A 303 27.75 -3.37 -14.55
CA ALA A 303 26.90 -2.42 -13.87
C ALA A 303 27.51 -1.01 -13.94
N THR A 304 26.65 -0.02 -13.86
CA THR A 304 27.08 1.35 -13.63
C THR A 304 26.90 1.68 -12.16
N VAL A 305 27.97 2.15 -11.53
CA VAL A 305 27.97 2.45 -10.10
C VAL A 305 28.43 3.90 -9.92
N ASP A 306 27.48 4.81 -9.74
CA ASP A 306 27.75 6.22 -9.55
C ASP A 306 28.06 6.51 -8.08
N THR A 307 29.10 7.32 -7.86
CA THR A 307 29.45 7.87 -6.54
C THR A 307 28.72 9.17 -6.21
N ALA A 308 28.28 9.94 -7.21
CA ALA A 308 27.61 11.21 -6.94
C ALA A 308 26.46 11.41 -7.92
N SER A 309 25.35 11.98 -7.44
CA SER A 309 24.24 12.33 -8.33
C SER A 309 23.67 13.68 -7.91
N ASP A 310 23.31 14.51 -8.90
CA ASP A 310 22.65 15.77 -8.60
C ASP A 310 21.25 15.53 -8.02
N ARG A 311 20.60 14.45 -8.44
CA ARG A 311 19.26 14.15 -7.97
C ARG A 311 19.26 13.58 -6.56
N LEU A 312 20.42 13.46 -5.92
CA LEU A 312 20.50 13.00 -4.56
C LEU A 312 19.53 13.80 -3.68
N PRO A 313 18.70 13.13 -2.88
CA PRO A 313 17.80 13.84 -1.96
C PRO A 313 18.58 14.64 -0.92
N ASP A 314 17.88 15.62 -0.33
CA ASP A 314 18.49 16.53 0.64
C ASP A 314 18.56 15.82 1.98
N LEU A 315 19.72 15.23 2.29
CA LEU A 315 19.81 14.39 3.48
C LEU A 315 19.81 15.21 4.76
N GLU A 316 20.39 16.40 4.74
CA GLU A 316 20.30 17.29 5.90
C GLU A 316 18.84 17.55 6.29
N ARG A 317 18.01 17.92 5.30
CA ARG A 317 16.59 18.09 5.55
C ARG A 317 15.96 16.75 5.91
N GLN A 318 16.39 15.67 5.28
CA GLN A 318 15.85 14.32 5.61
C GLN A 318 16.21 13.94 7.05
N ASN A 319 17.47 14.07 7.44
CA ASN A 319 17.90 13.60 8.79
C ASN A 319 17.19 14.38 9.89
N ALA A 320 17.03 15.69 9.71
CA ALA A 320 16.38 16.53 10.73
C ALA A 320 15.01 15.95 11.06
N ALA A 321 14.22 15.66 10.01
CA ALA A 321 12.85 15.13 10.24
C ALA A 321 12.94 13.80 10.96
N TYR A 322 13.89 12.96 10.57
CA TYR A 322 13.97 11.60 11.18
C TYR A 322 14.26 11.75 12.67
N GLU A 323 15.17 12.67 13.01
CA GLU A 323 15.54 12.87 14.42
C GLU A 323 14.31 13.35 15.20
N GLN A 324 13.53 14.25 14.59
CA GLN A 324 12.34 14.80 15.29
C GLN A 324 11.29 13.70 15.40
N MET A 325 11.05 13.00 14.29
CA MET A 325 9.99 11.95 14.29
C MET A 325 10.40 10.87 15.30
N LEU A 326 11.69 10.57 15.37
CA LEU A 326 12.17 9.54 16.33
C LEU A 326 11.86 10.00 17.77
N ASN A 327 12.04 11.29 18.07
CA ASN A 327 11.75 11.79 19.43
C ASN A 327 10.26 11.60 19.73
N ILE A 328 9.42 11.87 18.73
CA ILE A 328 7.95 11.67 18.91
C ILE A 328 7.68 10.16 18.98
N ALA A 329 8.51 9.36 18.30
CA ALA A 329 8.27 7.92 18.28
C ALA A 329 8.84 7.25 19.53
N MET A 330 10.06 7.58 19.91
CA MET A 330 10.65 7.06 21.14
C MET A 330 10.19 7.85 22.36
N PRO A 342 4.92 19.11 25.03
CA PRO A 342 3.86 18.41 24.30
C PRO A 342 3.80 18.82 22.84
N PRO A 343 3.96 17.86 21.92
CA PRO A 343 4.01 18.22 20.50
C PRO A 343 2.68 18.78 20.00
N THR A 344 2.79 19.81 19.18
CA THR A 344 1.60 20.43 18.59
C THR A 344 1.07 19.57 17.45
N LEU A 345 -0.23 19.71 17.19
CA LEU A 345 -0.80 19.13 15.98
C LEU A 345 -0.05 19.62 14.75
N ALA A 346 0.21 20.94 14.69
CA ALA A 346 0.86 21.50 13.50
C ALA A 346 2.28 20.98 13.33
N THR A 347 3.03 20.83 14.43
CA THR A 347 4.34 20.21 14.35
C THR A 347 4.25 18.82 13.74
N TRP A 348 3.32 18.00 14.25
CA TRP A 348 3.17 16.64 13.77
C TRP A 348 2.77 16.62 12.30
N LEU A 349 1.88 17.53 11.90
CA LEU A 349 1.46 17.61 10.52
C LEU A 349 2.60 18.03 9.60
N HIS A 350 3.48 18.93 10.06
CA HIS A 350 4.57 19.39 9.20
C HIS A 350 5.63 18.30 9.03
N LEU A 351 5.79 17.43 10.04
CA LEU A 351 6.71 16.30 9.91
C LEU A 351 6.23 15.34 8.82
N HIS A 352 4.92 15.10 8.75
CA HIS A 352 4.38 14.31 7.65
C HIS A 352 4.61 14.98 6.30
N ASP A 353 4.52 16.32 6.23
CA ASP A 353 4.82 17.00 4.97
C ASP A 353 6.26 16.81 4.56
N GLU A 354 7.17 16.90 5.53
CA GLU A 354 8.56 16.67 5.22
C GLU A 354 8.75 15.24 4.76
N GLN A 355 8.12 14.28 5.46
CA GLN A 355 8.28 12.89 5.08
C GLN A 355 7.67 12.62 3.71
N ALA A 356 6.56 13.29 3.37
CA ALA A 356 6.00 13.13 2.03
C ALA A 356 6.92 13.69 0.96
N ARG A 357 7.58 14.81 1.25
CA ARG A 357 8.42 15.43 0.23
C ARG A 357 9.81 14.80 0.17
N MET A 358 10.23 14.10 1.22
CA MET A 358 11.45 13.34 1.10
C MET A 358 11.24 12.08 0.27
N GLN A 359 10.11 11.42 0.45
CA GLN A 359 9.82 10.24 -0.34
C GLN A 359 9.67 10.58 -1.82
N ARG A 360 9.16 11.77 -2.12
CA ARG A 360 9.07 12.21 -3.51
C ARG A 360 10.45 12.41 -4.12
N GLN A 361 11.41 12.89 -3.32
CA GLN A 361 12.75 13.11 -3.86
C GLN A 361 13.44 11.79 -4.17
N TRP A 362 13.33 10.81 -3.27
CA TRP A 362 13.87 9.48 -3.52
C TRP A 362 13.19 8.83 -4.72
N ARG A 363 11.88 9.03 -4.86
CA ARG A 363 11.19 8.52 -6.04
C ARG A 363 11.81 9.10 -7.30
N ARG A 364 12.16 10.39 -7.28
CA ARG A 364 12.75 10.99 -8.46
C ARG A 364 14.17 10.45 -8.72
N LEU A 365 14.94 10.25 -7.65
CA LEU A 365 16.26 9.64 -7.81
C LEU A 365 16.14 8.24 -8.42
N PHE A 366 15.16 7.46 -7.96
CA PHE A 366 14.98 6.10 -8.45
C PHE A 366 14.42 6.05 -9.86
N GLU A 367 14.08 7.20 -10.46
CA GLU A 367 13.83 7.20 -11.91
C GLU A 367 15.10 6.86 -12.68
N THR A 368 16.27 7.24 -12.14
CA THR A 368 17.53 6.88 -12.78
C THR A 368 18.13 5.58 -12.21
N TYR A 369 18.05 5.36 -10.91
CA TYR A 369 18.78 4.29 -10.25
C TYR A 369 17.86 3.13 -9.89
N ASP A 370 18.39 1.91 -9.96
CA ASP A 370 17.68 0.74 -9.46
C ASP A 370 17.78 0.61 -7.95
N VAL A 371 18.98 0.77 -7.39
CA VAL A 371 19.18 0.64 -5.96
C VAL A 371 20.25 1.64 -5.52
N VAL A 372 20.26 1.91 -4.23
CA VAL A 372 21.29 2.70 -3.58
C VAL A 372 21.92 1.79 -2.55
N ILE A 373 23.26 1.79 -2.50
CA ILE A 373 23.98 0.96 -1.54
C ILE A 373 24.59 1.88 -0.50
N ALA A 374 24.41 1.53 0.76
CA ALA A 374 24.86 2.38 1.86
C ALA A 374 25.29 1.52 3.01
N PRO A 375 26.11 2.06 3.92
CA PRO A 375 26.39 1.33 5.15
C PRO A 375 25.12 1.19 5.98
N THR A 376 24.96 0.04 6.63
CA THR A 376 23.93 -0.07 7.66
C THR A 376 24.18 0.95 8.75
N VAL A 377 25.42 1.03 9.21
CA VAL A 377 25.83 2.03 10.19
C VAL A 377 27.34 2.20 10.03
N GLY A 378 27.86 3.35 10.48
CA GLY A 378 29.25 3.70 10.21
C GLY A 378 30.29 2.72 10.71
N MET A 379 29.97 1.91 11.70
CA MET A 379 30.95 1.05 12.35
C MET A 379 30.51 -0.40 12.27
N THR A 380 31.47 -1.32 12.35
CA THR A 380 31.16 -2.69 12.68
C THR A 380 30.76 -2.77 14.14
N ALA A 381 30.40 -3.97 14.59
CA ALA A 381 29.95 -4.17 15.97
C ALA A 381 30.92 -3.54 16.96
N PHE A 382 30.36 -2.88 17.97
CA PHE A 382 31.08 -2.00 18.88
C PHE A 382 30.93 -2.50 20.32
N PRO A 383 31.86 -2.13 21.20
CA PRO A 383 31.83 -2.66 22.57
C PRO A 383 30.66 -2.19 23.40
N HIS A 384 30.24 -3.05 24.35
CA HIS A 384 29.24 -2.66 25.35
C HIS A 384 29.55 -1.27 25.86
N ASP A 385 28.55 -0.41 25.90
CA ASP A 385 28.76 0.88 26.54
C ASP A 385 27.52 1.29 27.33
N ASP A 386 27.71 1.69 28.59
CA ASP A 386 26.55 2.05 29.45
C ASP A 386 26.34 3.57 29.49
N THR A 387 27.05 4.32 28.66
CA THR A 387 26.95 5.80 28.65
C THR A 387 25.56 6.22 28.19
N PRO A 388 24.99 7.32 28.72
CA PRO A 388 23.70 7.81 28.24
C PRO A 388 23.90 8.18 26.78
N LEU A 389 22.89 7.93 25.94
CA LEU A 389 23.09 8.09 24.48
C LEU A 389 23.44 9.52 24.02
N PRO A 390 22.87 10.63 24.53
CA PRO A 390 23.28 11.93 24.01
C PRO A 390 24.75 12.09 24.33
N HIS A 391 25.16 11.74 25.56
CA HIS A 391 26.61 11.75 25.93
C HIS A 391 27.37 10.70 25.11
N ARG A 392 26.76 9.53 24.90
CA ARG A 392 27.45 8.38 24.26
C ARG A 392 28.44 8.82 23.17
N ARG A 393 29.73 8.58 23.40
CA ARG A 393 30.74 8.81 22.38
C ARG A 393 31.15 7.49 21.74
N LEU A 394 31.37 7.55 20.44
CA LEU A 394 31.79 6.42 19.63
C LEU A 394 33.12 6.76 18.96
N ASP A 395 33.93 5.74 18.71
CA ASP A 395 35.24 5.96 18.11
C ASP A 395 35.29 5.35 16.71
N ILE A 396 35.47 6.20 15.72
CA ILE A 396 35.54 5.79 14.32
C ILE A 396 36.96 6.08 13.85
N ASP A 397 37.74 5.01 13.64
CA ASP A 397 39.11 5.14 13.14
C ASP A 397 39.93 6.08 14.01
N GLY A 398 39.84 5.90 15.32
CA GLY A 398 40.62 6.70 16.25
C GLY A 398 40.05 8.06 16.56
N GLU A 399 38.85 8.38 16.07
CA GLU A 399 38.20 9.66 16.30
C GLU A 399 36.95 9.44 17.15
N ASP A 400 36.88 10.10 18.30
CA ASP A 400 35.66 10.05 19.09
C ASP A 400 34.56 10.87 18.42
N THR A 401 33.36 10.32 18.40
CA THR A 401 32.24 10.87 17.66
C THR A 401 30.97 10.73 18.50
N PRO A 402 29.97 11.58 18.24
CA PRO A 402 28.66 11.36 18.87
C PRO A 402 27.98 10.11 18.31
N PHE A 403 27.43 9.31 19.22
CA PHE A 403 26.72 8.10 18.82
C PHE A 403 25.42 8.44 18.08
N LEU A 404 24.75 9.51 18.49
CA LEU A 404 23.51 9.94 17.83
C LEU A 404 23.66 10.05 16.32
N HIS A 405 24.81 10.55 15.87
CA HIS A 405 24.97 10.87 14.46
C HIS A 405 24.83 9.63 13.57
N GLN A 406 25.16 8.46 14.11
CA GLN A 406 25.09 7.22 13.35
C GLN A 406 23.67 6.85 12.92
N PHE A 407 22.65 7.33 13.62
CA PHE A 407 21.29 6.97 13.23
C PHE A 407 20.92 7.48 11.84
N ALA A 408 21.75 8.34 11.24
CA ALA A 408 21.45 8.81 9.89
C ALA A 408 21.33 7.64 8.91
N PHE A 409 22.14 6.59 9.11
CA PHE A 409 22.14 5.51 8.12
C PHE A 409 20.85 4.72 8.12
N PRO A 410 20.33 4.22 9.24
CA PRO A 410 19.00 3.59 9.19
C PRO A 410 17.92 4.54 8.70
N GLY A 411 18.04 5.84 9.01
CA GLY A 411 17.06 6.81 8.56
C GLY A 411 16.97 6.95 7.06
N LEU A 412 18.06 6.66 6.34
CA LEU A 412 18.05 6.76 4.87
C LEU A 412 16.87 6.03 4.26
N ALA A 413 16.61 4.80 4.70
CA ALA A 413 15.45 4.06 4.20
C ALA A 413 14.19 4.36 4.98
N THR A 414 14.32 4.45 6.32
CA THR A 414 13.14 4.45 7.18
C THR A 414 12.28 5.67 6.97
N LEU A 415 12.89 6.85 6.88
CA LEU A 415 12.09 8.06 6.73
C LEU A 415 11.32 8.10 5.41
N PRO A 416 11.91 7.83 4.24
CA PRO A 416 11.14 7.79 2.99
C PRO A 416 10.22 6.59 2.86
N MET A 417 10.31 5.59 3.73
CA MET A 417 9.49 4.37 3.77
C MET A 417 10.01 3.30 2.82
N LEU A 418 11.21 3.50 2.27
CA LEU A 418 11.78 2.62 1.27
C LEU A 418 12.17 1.25 1.83
N PRO A 419 12.14 0.20 0.99
CA PRO A 419 12.70 -1.10 1.38
C PRO A 419 14.24 -1.07 1.42
N ALA A 420 14.81 -1.80 2.37
CA ALA A 420 16.25 -1.94 2.48
C ALA A 420 16.62 -3.35 2.88
N THR A 421 17.56 -3.94 2.17
CA THR A 421 18.06 -5.27 2.49
C THR A 421 19.47 -5.16 3.03
N SER A 422 19.71 -5.78 4.17
CA SER A 422 21.03 -5.75 4.79
C SER A 422 21.73 -7.04 4.45
N VAL A 423 22.87 -6.95 3.75
CA VAL A 423 23.55 -8.11 3.19
C VAL A 423 25.03 -8.11 3.59
N PRO A 424 25.59 -9.23 4.05
CA PRO A 424 27.04 -9.27 4.33
C PRO A 424 27.88 -9.25 3.07
N ILE A 425 28.84 -8.34 3.02
CA ILE A 425 29.73 -8.19 1.88
C ILE A 425 31.20 -8.34 2.25
N GLY A 426 31.55 -8.45 3.52
CA GLY A 426 32.96 -8.43 3.87
C GLY A 426 33.19 -8.79 5.33
N ARG A 427 34.46 -8.86 5.70
CA ARG A 427 34.84 -8.96 7.09
C ARG A 427 35.95 -7.98 7.42
N ASP A 428 35.86 -7.41 8.62
CA ASP A 428 36.73 -6.35 9.13
C ASP A 428 38.11 -6.92 9.47
N GLY A 429 39.06 -6.02 9.76
CA GLY A 429 40.40 -6.44 10.15
C GLY A 429 40.42 -7.29 11.40
N ASP A 430 39.64 -6.90 12.42
CA ASP A 430 39.49 -7.73 13.60
C ASP A 430 38.56 -8.91 13.38
N GLY A 431 37.93 -8.98 12.21
CA GLY A 431 37.03 -10.07 11.89
C GLY A 431 35.56 -9.79 12.10
N LEU A 432 35.17 -8.59 12.53
CA LEU A 432 33.75 -8.29 12.64
C LEU A 432 33.11 -8.27 11.26
N PRO A 433 31.92 -8.85 11.10
CA PRO A 433 31.29 -8.86 9.78
C PRO A 433 30.91 -7.48 9.32
N ILE A 434 31.02 -7.26 8.02
CA ILE A 434 30.65 -5.99 7.39
C ILE A 434 29.39 -6.24 6.57
N GLY A 435 28.36 -5.47 6.85
CA GLY A 435 27.11 -5.57 6.14
C GLY A 435 26.68 -4.20 5.66
N VAL A 436 25.96 -4.19 4.56
CA VAL A 436 25.53 -2.95 3.96
C VAL A 436 24.07 -3.09 3.63
N GLN A 437 23.42 -1.95 3.40
CA GLN A 437 22.02 -1.95 3.03
C GLN A 437 21.88 -1.66 1.55
N VAL A 438 21.03 -2.42 0.90
CA VAL A 438 20.59 -2.17 -0.46
C VAL A 438 19.19 -1.60 -0.40
N ILE A 439 19.04 -0.36 -0.87
CA ILE A 439 17.81 0.41 -0.74
C ILE A 439 17.19 0.53 -2.12
N ALA A 440 15.88 0.31 -2.19
CA ALA A 440 15.17 0.33 -3.46
C ALA A 440 13.98 1.28 -3.35
N ASP A 441 13.35 1.51 -4.49
CA ASP A 441 12.18 2.39 -4.57
C ASP A 441 11.01 1.80 -3.77
N LEU A 442 10.02 2.66 -3.52
CA LEU A 442 8.85 2.19 -2.79
C LEU A 442 8.25 0.98 -3.47
N TYR A 443 7.98 -0.05 -2.67
CA TYR A 443 7.36 -1.30 -3.08
C TYR A 443 8.27 -2.16 -3.98
N GLN A 444 9.53 -1.79 -4.15
CA GLN A 444 10.42 -2.57 -4.99
C GLN A 444 11.32 -3.45 -4.13
N ASP A 445 10.74 -3.98 -3.05
CA ASP A 445 11.48 -4.83 -2.13
C ASP A 445 12.19 -5.97 -2.85
N ARG A 446 11.50 -6.59 -3.81
CA ARG A 446 12.12 -7.71 -4.50
C ARG A 446 13.27 -7.28 -5.38
N THR A 447 13.24 -6.04 -5.89
CA THR A 447 14.40 -5.50 -6.58
C THR A 447 15.58 -5.38 -5.62
N ALA A 448 15.34 -4.88 -4.42
CA ALA A 448 16.43 -4.73 -3.46
C ALA A 448 17.04 -6.10 -3.11
N LEU A 449 16.19 -7.11 -2.91
CA LEU A 449 16.70 -8.45 -2.64
C LEU A 449 17.51 -9.00 -3.80
N ALA A 450 17.06 -8.73 -5.03
CA ALA A 450 17.80 -9.20 -6.20
C ALA A 450 19.18 -8.57 -6.28
N ALA A 451 19.25 -7.25 -6.07
CA ALA A 451 20.54 -6.58 -6.08
C ALA A 451 21.40 -7.04 -4.92
N ALA A 452 20.80 -7.28 -3.75
CA ALA A 452 21.59 -7.79 -2.63
C ALA A 452 22.12 -9.18 -2.94
N ARG A 453 21.30 -10.00 -3.60
CA ARG A 453 21.75 -11.33 -4.02
C ARG A 453 22.94 -11.23 -4.96
N ALA A 454 22.89 -10.31 -5.95
CA ALA A 454 24.03 -10.15 -6.86
C ALA A 454 25.25 -9.69 -6.11
N ALA A 455 25.09 -8.72 -5.21
CA ALA A 455 26.22 -8.17 -4.47
C ALA A 455 26.93 -9.26 -3.67
N HIS A 456 26.14 -10.15 -3.06
CA HIS A 456 26.71 -11.21 -2.22
C HIS A 456 27.47 -12.23 -3.06
N ALA A 457 26.98 -12.55 -4.25
CA ALA A 457 27.74 -13.45 -5.12
C ALA A 457 29.08 -12.81 -5.49
N LEU A 458 29.08 -11.51 -5.81
CA LEU A 458 30.32 -10.84 -6.17
C LEU A 458 31.28 -10.75 -5.00
N ALA A 459 30.79 -10.38 -3.81
CA ALA A 459 31.70 -10.13 -2.69
C ALA A 459 32.41 -11.40 -2.24
N TRP A 460 31.72 -12.53 -2.27
CA TRP A 460 32.22 -13.81 -1.77
C TRP A 460 32.75 -14.70 -2.89
N SER A 461 32.87 -14.15 -4.09
CA SER A 461 33.52 -14.82 -5.21
C SER A 461 35.05 -14.82 -5.06
N THR B 25 -23.45 1.08 -29.51
CA THR B 25 -22.80 1.44 -28.26
C THR B 25 -21.30 1.70 -28.47
N ALA B 26 -20.76 2.64 -27.70
CA ALA B 26 -19.35 3.01 -27.84
C ALA B 26 -18.44 1.86 -27.42
N PRO B 27 -17.35 1.65 -28.14
CA PRO B 27 -16.40 0.59 -27.77
C PRO B 27 -15.72 0.85 -26.44
N SER B 28 -15.41 -0.24 -25.75
CA SER B 28 -14.64 -0.19 -24.52
C SER B 28 -13.20 0.21 -24.80
N ALA B 29 -12.49 0.56 -23.73
CA ALA B 29 -11.07 0.88 -23.87
C ALA B 29 -10.26 -0.33 -24.30
N LEU B 30 -10.46 -1.49 -23.64
CA LEU B 30 -9.69 -2.67 -23.98
C LEU B 30 -10.00 -3.15 -25.39
N ALA B 31 -11.26 -3.00 -25.83
CA ALA B 31 -11.59 -3.27 -27.22
C ALA B 31 -10.86 -2.34 -28.15
N THR B 32 -10.81 -1.06 -27.80
CA THR B 32 -10.12 -0.08 -28.62
C THR B 32 -8.65 -0.42 -28.74
N ALA B 33 -8.01 -0.77 -27.62
CA ALA B 33 -6.61 -1.12 -27.70
C ALA B 33 -6.43 -2.34 -28.60
N ALA B 34 -7.39 -3.27 -28.56
CA ALA B 34 -7.30 -4.46 -29.40
C ALA B 34 -7.33 -4.11 -30.88
N ALA B 35 -8.22 -3.18 -31.28
CA ALA B 35 -8.29 -2.76 -32.68
C ALA B 35 -7.02 -2.05 -33.11
N VAL B 36 -6.51 -1.11 -32.30
CA VAL B 36 -5.27 -0.44 -32.67
C VAL B 36 -4.13 -1.44 -32.75
N ARG B 37 -4.07 -2.38 -31.80
CA ARG B 37 -3.08 -3.44 -31.85
C ARG B 37 -3.22 -4.31 -33.10
N ALA B 38 -4.46 -4.61 -33.50
CA ALA B 38 -4.71 -5.47 -34.65
C ALA B 38 -4.34 -4.79 -35.97
N GLY B 39 -4.35 -3.47 -36.01
CA GLY B 39 -4.22 -2.77 -37.25
C GLY B 39 -5.53 -2.45 -37.91
N GLU B 40 -6.64 -2.84 -37.28
CA GLU B 40 -7.96 -2.46 -37.79
C GLU B 40 -8.15 -0.96 -37.80
N THR B 41 -7.64 -0.28 -36.78
CA THR B 41 -7.74 1.16 -36.69
C THR B 41 -6.40 1.71 -36.25
N THR B 42 -6.24 3.02 -36.33
CA THR B 42 -5.01 3.68 -35.96
C THR B 42 -5.25 4.63 -34.79
N ALA B 43 -4.18 4.94 -34.05
CA ALA B 43 -4.32 5.80 -32.88
C ALA B 43 -4.79 7.20 -33.24
N LEU B 44 -4.31 7.75 -34.35
CA LEU B 44 -4.80 9.05 -34.80
C LEU B 44 -6.31 8.98 -35.04
N ALA B 45 -6.78 7.91 -35.70
CA ALA B 45 -8.20 7.80 -36.02
C ALA B 45 -9.06 7.75 -34.77
N GLU B 46 -8.62 7.01 -33.74
CA GLU B 46 -9.40 6.92 -32.51
C GLU B 46 -9.51 8.26 -31.80
N THR B 47 -8.42 9.02 -31.72
CA THR B 47 -8.49 10.32 -31.07
C THR B 47 -9.40 11.27 -31.84
N GLU B 48 -9.32 11.23 -33.17
CA GLU B 48 -10.17 12.09 -33.97
C GLU B 48 -11.65 11.79 -33.79
N ALA B 49 -12.00 10.49 -33.74
CA ALA B 49 -13.40 10.14 -33.55
C ALA B 49 -13.89 10.61 -32.17
N ALA B 50 -13.05 10.47 -31.16
CA ALA B 50 -13.43 10.97 -29.85
C ALA B 50 -13.58 12.49 -29.87
N ILE B 51 -12.65 13.19 -30.53
CA ILE B 51 -12.73 14.65 -30.53
C ILE B 51 -14.00 15.10 -31.22
N ALA B 52 -14.36 14.43 -32.32
CA ALA B 52 -15.64 14.69 -32.94
C ALA B 52 -16.79 14.32 -32.00
N ARG B 53 -16.65 13.21 -31.26
CA ARG B 53 -17.72 12.82 -30.33
C ARG B 53 -17.93 13.87 -29.26
N ILE B 54 -16.84 14.50 -28.80
CA ILE B 54 -16.96 15.52 -27.75
C ILE B 54 -17.63 16.78 -28.28
N GLU B 55 -17.27 17.19 -29.51
CA GLU B 55 -17.86 18.42 -30.02
C GLU B 55 -19.35 18.27 -30.25
N ALA B 56 -19.81 17.09 -30.66
CA ALA B 56 -21.24 16.88 -30.86
C ALA B 56 -21.99 16.94 -29.54
N ALA B 57 -21.46 16.30 -28.49
CA ALA B 57 -22.21 16.14 -27.26
C ALA B 57 -21.87 17.17 -26.19
N ASN B 58 -20.73 17.86 -26.29
CA ASN B 58 -20.31 18.67 -25.16
C ASN B 58 -21.09 19.97 -24.97
N PRO B 59 -21.52 20.67 -26.04
CA PRO B 59 -22.21 21.96 -25.79
C PRO B 59 -23.44 21.81 -24.93
N ASP B 60 -24.20 20.75 -25.15
CA ASP B 60 -25.39 20.49 -24.35
C ASP B 60 -25.07 19.93 -22.98
N LEU B 61 -23.81 19.55 -22.71
CA LEU B 61 -23.46 18.92 -21.43
C LEU B 61 -22.45 19.69 -20.60
N ASN B 62 -21.49 20.37 -21.23
CA ASN B 62 -20.41 21.07 -20.52
C ASN B 62 -19.58 20.09 -19.69
N ALA B 63 -19.36 18.89 -20.23
CA ALA B 63 -18.57 17.89 -19.50
C ALA B 63 -17.08 18.20 -19.51
N VAL B 64 -16.51 18.52 -20.67
CA VAL B 64 -15.07 18.72 -20.78
C VAL B 64 -14.80 20.23 -20.85
N VAL B 65 -14.11 20.75 -19.84
CA VAL B 65 -13.83 22.18 -19.79
C VAL B 65 -12.50 22.60 -20.38
N VAL B 66 -11.54 21.69 -20.48
CA VAL B 66 -10.22 22.00 -21.02
C VAL B 66 -9.99 21.05 -22.19
N LYS B 67 -9.50 21.58 -23.30
CA LYS B 67 -9.26 20.79 -24.50
C LYS B 67 -7.82 20.94 -24.93
N ASP B 68 -7.18 19.82 -25.22
CA ASP B 68 -5.79 19.75 -25.64
C ASP B 68 -5.69 19.09 -27.01
N TYR B 69 -6.66 19.37 -27.87
CA TYR B 69 -6.84 18.61 -29.11
C TYR B 69 -5.58 18.54 -29.94
N ASP B 70 -4.89 19.66 -30.11
CA ASP B 70 -3.85 19.69 -31.13
C ASP B 70 -2.54 19.08 -30.64
N ARG B 71 -2.25 19.19 -29.34
CA ARG B 71 -1.14 18.40 -28.80
C ARG B 71 -1.52 16.93 -28.76
N ALA B 72 -2.80 16.64 -28.52
CA ALA B 72 -3.30 15.27 -28.45
C ALA B 72 -3.16 14.53 -29.77
N ARG B 73 -3.44 15.20 -30.91
CA ARG B 73 -3.33 14.50 -32.20
C ARG B 73 -1.88 14.32 -32.62
N ASP B 74 -0.97 15.18 -32.17
CA ASP B 74 0.43 14.89 -32.42
C ASP B 74 0.91 13.72 -31.59
N ALA B 75 0.39 13.57 -30.37
CA ALA B 75 0.72 12.40 -29.57
C ALA B 75 0.24 11.13 -30.26
N ALA B 76 -0.98 11.15 -30.79
CA ALA B 76 -1.50 9.98 -31.49
C ALA B 76 -0.61 9.64 -32.68
N ARG B 77 -0.24 10.64 -33.49
CA ARG B 77 0.65 10.38 -34.60
C ARG B 77 1.97 9.81 -34.14
N ALA B 78 2.55 10.40 -33.10
CA ALA B 78 3.80 9.89 -32.57
C ALA B 78 3.65 8.46 -32.06
N LEU B 79 2.51 8.15 -31.43
CA LEU B 79 2.27 6.79 -30.98
C LEU B 79 2.13 5.83 -32.17
N ASP B 80 1.43 6.26 -33.23
CA ASP B 80 1.29 5.39 -34.39
C ASP B 80 2.63 5.14 -35.05
N ALA B 81 3.53 6.11 -35.00
CA ALA B 81 4.91 5.89 -35.42
C ALA B 81 5.56 4.81 -34.59
N ARG B 82 5.27 4.75 -33.28
CA ARG B 82 5.87 3.71 -32.47
C ARG B 82 5.21 2.37 -32.68
N ILE B 83 3.91 2.37 -33.00
CA ILE B 83 3.28 1.11 -33.35
C ILE B 83 3.85 0.61 -34.67
N ALA B 84 4.25 1.56 -35.53
CA ALA B 84 4.79 1.18 -36.85
C ALA B 84 6.03 0.32 -36.66
N GLU B 85 6.61 0.31 -35.45
CA GLU B 85 7.75 -0.60 -35.23
C GLU B 85 7.56 -1.41 -33.95
N GLY B 86 6.59 -2.32 -33.93
CA GLY B 86 6.44 -3.25 -32.79
C GLY B 86 6.31 -2.58 -31.44
N PHE B 87 5.59 -1.48 -31.32
CA PHE B 87 5.38 -0.92 -29.96
C PHE B 87 4.00 -1.35 -29.53
N ASP B 88 3.93 -2.05 -28.41
CA ASP B 88 2.61 -2.48 -27.91
C ASP B 88 2.43 -2.04 -26.47
N ALA B 89 1.20 -1.68 -26.10
CA ALA B 89 0.84 -1.26 -24.74
C ALA B 89 -0.54 -1.79 -24.39
N PRO B 90 -0.82 -2.03 -23.10
CA PRO B 90 -2.12 -2.62 -22.73
C PRO B 90 -3.31 -1.73 -23.05
N LEU B 91 -3.14 -0.41 -22.98
CA LEU B 91 -4.19 0.54 -23.35
C LEU B 91 -3.82 1.28 -24.63
N LEU B 92 -3.14 0.60 -25.55
CA LEU B 92 -2.58 1.22 -26.75
C LEU B 92 -3.62 2.06 -27.48
N GLY B 93 -3.32 3.35 -27.62
CA GLY B 93 -4.09 4.25 -28.45
C GLY B 93 -5.48 4.58 -27.98
N VAL B 94 -5.73 4.53 -26.67
CA VAL B 94 -7.06 4.69 -26.12
C VAL B 94 -7.28 6.18 -25.84
N PRO B 95 -8.26 6.83 -26.47
CA PRO B 95 -8.54 8.22 -26.14
C PRO B 95 -9.24 8.34 -24.81
N MET B 96 -8.83 9.32 -24.02
CA MET B 96 -9.35 9.49 -22.67
C MET B 96 -9.25 10.94 -22.25
N THR B 97 -10.01 11.27 -21.22
CA THR B 97 -9.99 12.58 -20.59
C THR B 97 -9.74 12.34 -19.11
N ILE B 98 -9.32 13.39 -18.39
CA ILE B 98 -9.01 13.25 -16.98
C ILE B 98 -9.64 14.40 -16.18
N LYS B 99 -9.84 14.15 -14.90
CA LYS B 99 -10.37 15.20 -14.03
C LYS B 99 -9.44 16.40 -13.98
N GLU B 100 -10.05 17.56 -13.75
CA GLU B 100 -9.28 18.79 -13.84
C GLU B 100 -8.25 18.87 -12.73
N SER B 101 -8.54 18.28 -11.57
CA SER B 101 -7.61 18.32 -10.44
C SER B 101 -6.31 17.60 -10.72
N PHE B 102 -6.30 16.60 -11.61
CA PHE B 102 -5.04 15.97 -11.98
C PHE B 102 -4.19 16.92 -12.80
N ASN B 103 -2.87 16.85 -12.62
CA ASN B 103 -1.97 17.70 -13.36
C ASN B 103 -1.55 17.02 -14.66
N VAL B 104 -1.73 17.72 -15.77
CA VAL B 104 -1.22 17.32 -17.06
C VAL B 104 -0.25 18.41 -17.51
N ALA B 105 0.94 17.99 -17.96
CA ALA B 105 1.97 18.96 -18.33
C ALA B 105 1.46 19.89 -19.44
N GLY B 106 1.77 21.17 -19.31
CA GLY B 106 1.33 22.16 -20.27
C GLY B 106 -0.10 22.62 -20.11
N LEU B 107 -0.78 22.18 -19.05
CA LEU B 107 -2.18 22.44 -18.86
C LEU B 107 -2.42 23.03 -17.49
N PRO B 108 -3.44 23.87 -17.35
CA PRO B 108 -3.73 24.49 -16.06
C PRO B 108 -4.47 23.56 -15.12
N THR B 109 -4.16 23.71 -13.85
CA THR B 109 -4.92 23.11 -12.76
C THR B 109 -5.42 24.24 -11.86
N THR B 110 -6.73 24.36 -11.72
CA THR B 110 -7.36 25.52 -11.09
C THR B 110 -7.06 25.58 -9.59
N PHE B 111 -7.07 24.43 -8.91
CA PHE B 111 -7.01 24.35 -7.45
C PHE B 111 -8.17 25.03 -6.75
N GLY B 112 -9.37 24.82 -7.24
CA GLY B 112 -10.50 25.44 -6.60
C GLY B 112 -10.51 26.96 -6.60
N VAL B 113 -10.91 27.57 -7.71
CA VAL B 113 -11.18 29.00 -7.82
C VAL B 113 -9.99 29.87 -7.40
N GLU B 114 -8.77 29.35 -7.58
CA GLU B 114 -7.59 30.17 -7.31
C GLU B 114 -7.38 31.23 -8.39
N GLN B 115 -7.90 30.99 -9.59
CA GLN B 115 -7.56 31.74 -10.79
C GLN B 115 -6.09 31.52 -11.18
N PHE B 116 -5.67 30.26 -11.04
CA PHE B 116 -4.41 29.73 -11.52
C PHE B 116 -4.47 29.42 -13.00
N ARG B 117 -5.53 29.88 -13.67
CA ARG B 117 -5.75 29.59 -15.08
C ARG B 117 -4.57 30.02 -15.94
N ASP B 118 -3.89 31.10 -15.54
CA ASP B 118 -2.69 31.56 -16.24
C ASP B 118 -1.57 30.51 -16.20
N PHE B 119 -1.46 29.76 -15.10
CA PHE B 119 -0.35 28.83 -14.93
C PHE B 119 -0.62 27.46 -15.57
N VAL B 120 0.46 26.80 -16.00
CA VAL B 120 0.42 25.44 -16.55
C VAL B 120 1.31 24.55 -15.71
N ALA B 121 0.91 23.30 -15.56
CA ALA B 121 1.71 22.34 -14.82
C ALA B 121 3.01 22.02 -15.54
N ALA B 122 4.11 21.96 -14.78
CA ALA B 122 5.40 21.62 -15.37
C ALA B 122 5.48 20.14 -15.74
N GLU B 123 4.90 19.25 -14.92
CA GLU B 123 5.02 17.81 -15.12
C GLU B 123 3.68 17.14 -14.93
N ASP B 124 3.52 15.97 -15.57
CA ASP B 124 2.31 15.18 -15.41
C ASP B 124 2.25 14.62 -13.99
N ALA B 125 1.04 14.44 -13.48
CA ALA B 125 0.85 13.67 -12.27
C ALA B 125 1.26 12.22 -12.51
N VAL B 126 1.59 11.52 -11.43
CA VAL B 126 2.11 10.15 -11.57
C VAL B 126 1.10 9.24 -12.25
N ALA B 127 -0.18 9.37 -11.89
CA ALA B 127 -1.20 8.58 -12.55
C ALA B 127 -1.23 8.85 -14.05
N VAL B 128 -1.10 10.12 -14.45
CA VAL B 128 -1.10 10.47 -15.86
C VAL B 128 0.13 9.90 -16.56
N GLN B 129 1.30 9.93 -15.90
CA GLN B 129 2.48 9.36 -16.52
C GLN B 129 2.30 7.89 -16.79
N ARG B 130 1.71 7.17 -15.83
CA ARG B 130 1.51 5.74 -15.94
C ARG B 130 0.48 5.39 -17.01
N LEU B 131 -0.58 6.18 -17.12
CA LEU B 131 -1.54 5.95 -18.18
C LEU B 131 -0.93 6.18 -19.55
N LYS B 132 -0.14 7.24 -19.70
CA LYS B 132 0.47 7.54 -21.00
C LYS B 132 1.51 6.50 -21.38
N ALA B 133 2.27 6.00 -20.40
CA ALA B 133 3.18 4.90 -20.70
C ALA B 133 2.41 3.66 -21.15
N ALA B 134 1.18 3.47 -20.66
CA ALA B 134 0.27 2.42 -21.11
C ALA B 134 -0.38 2.71 -22.46
N GLY B 135 -0.13 3.87 -23.08
CA GLY B 135 -0.61 4.16 -24.41
C GLY B 135 -1.85 5.03 -24.50
N THR B 136 -2.38 5.53 -23.39
CA THR B 136 -3.54 6.42 -23.48
C THR B 136 -3.18 7.79 -24.03
N ILE B 137 -4.14 8.42 -24.70
CA ILE B 137 -4.03 9.81 -25.15
C ILE B 137 -5.08 10.64 -24.42
N ILE B 138 -4.64 11.68 -23.71
CA ILE B 138 -5.53 12.54 -22.93
C ILE B 138 -5.97 13.71 -23.80
N LEU B 139 -7.23 13.69 -24.21
CA LEU B 139 -7.73 14.75 -25.08
C LEU B 139 -7.90 16.05 -24.32
N GLY B 140 -8.41 15.97 -23.10
CA GLY B 140 -8.76 17.17 -22.38
C GLY B 140 -9.02 16.85 -20.93
N LYS B 141 -9.43 17.88 -20.21
CA LYS B 141 -9.78 17.72 -18.81
C LYS B 141 -11.28 17.95 -18.61
N THR B 142 -11.81 17.43 -17.52
CA THR B 142 -13.24 17.49 -17.23
C THR B 142 -13.54 18.39 -16.03
N ASN B 143 -14.71 19.01 -16.09
CA ASN B 143 -15.15 19.92 -15.04
C ASN B 143 -15.21 19.19 -13.71
N VAL B 144 -14.82 19.89 -12.64
CA VAL B 144 -15.04 19.39 -11.29
C VAL B 144 -16.18 20.19 -10.68
N PRO B 145 -17.40 19.65 -10.62
CA PRO B 145 -18.47 20.34 -9.91
C PRO B 145 -18.25 20.24 -8.41
N PRO B 146 -18.78 21.19 -7.63
CA PRO B 146 -18.49 21.20 -6.19
C PRO B 146 -19.03 19.95 -5.49
N ARG B 147 -18.26 19.51 -4.48
CA ARG B 147 -18.68 18.44 -3.58
C ARG B 147 -20.06 18.76 -3.01
N LEU B 148 -20.79 17.75 -2.57
CA LEU B 148 -21.96 18.04 -1.73
C LEU B 148 -21.53 18.72 -0.44
N ASN B 155 -19.70 25.24 -10.08
CA ASN B 155 -18.28 25.57 -10.12
C ASN B 155 -18.09 26.91 -10.83
N PRO B 156 -17.36 27.87 -10.21
CA PRO B 156 -17.24 29.21 -10.80
C PRO B 156 -16.41 29.26 -12.07
N ILE B 157 -15.23 28.64 -12.04
CA ILE B 157 -14.27 28.82 -13.13
C ILE B 157 -14.76 28.26 -14.46
N TYR B 158 -15.68 27.30 -14.43
CA TYR B 158 -16.06 26.57 -15.63
C TYR B 158 -17.57 26.42 -15.82
N GLY B 159 -18.36 26.51 -14.77
CA GLY B 159 -19.80 26.37 -14.89
C GLY B 159 -20.31 25.14 -14.20
N ARG B 160 -21.43 24.60 -14.67
CA ARG B 160 -22.03 23.40 -14.10
C ARG B 160 -22.24 22.37 -15.19
N THR B 161 -22.00 21.11 -14.85
CA THR B 161 -22.23 20.00 -15.75
C THR B 161 -23.59 19.38 -15.42
N ARG B 162 -24.43 19.23 -16.42
CA ARG B 162 -25.75 18.63 -16.20
C ARG B 162 -25.65 17.11 -16.23
N ASN B 163 -26.41 16.47 -15.35
CA ASN B 163 -26.51 15.01 -15.35
C ASN B 163 -26.90 14.54 -16.74
N ALA B 164 -26.16 13.56 -17.26
CA ALA B 164 -26.32 13.16 -18.66
C ALA B 164 -27.74 12.70 -18.98
N PHE B 165 -28.45 12.18 -17.98
CA PHE B 165 -29.84 11.75 -18.20
C PHE B 165 -30.80 12.94 -18.15
N ASP B 166 -30.90 13.59 -17.00
CA ASP B 166 -31.90 14.61 -16.75
C ASP B 166 -31.24 15.95 -16.48
N PRO B 167 -31.63 17.02 -17.18
CA PRO B 167 -30.90 18.30 -17.03
C PRO B 167 -31.04 18.91 -15.64
N ALA B 168 -32.25 18.91 -15.08
CA ALA B 168 -32.49 19.46 -13.74
C ALA B 168 -31.74 18.71 -12.66
N ARG B 169 -31.46 17.44 -12.86
CA ARG B 169 -30.80 16.70 -11.79
C ARG B 169 -29.28 16.88 -11.84
N VAL B 170 -28.66 16.69 -10.68
CA VAL B 170 -27.23 16.94 -10.48
C VAL B 170 -26.40 15.80 -11.04
N ALA B 171 -25.16 16.13 -11.45
CA ALA B 171 -24.16 15.10 -11.69
C ALA B 171 -23.80 14.36 -10.41
N GLY B 172 -23.83 15.04 -9.27
CA GLY B 172 -23.75 14.40 -7.96
C GLY B 172 -22.40 14.28 -7.30
N GLY B 173 -21.35 14.88 -7.83
CA GLY B 173 -20.07 14.74 -7.16
C GLY B 173 -19.04 15.67 -7.72
N SER B 174 -17.87 15.67 -7.08
CA SER B 174 -16.71 16.37 -7.62
C SER B 174 -16.31 15.80 -8.99
N SER B 175 -16.44 14.48 -9.18
CA SER B 175 -16.08 13.82 -10.43
C SER B 175 -17.19 13.81 -11.46
N GLY B 176 -18.26 14.59 -11.25
CA GLY B 176 -19.41 14.51 -12.14
C GLY B 176 -19.09 14.76 -13.60
N GLY B 177 -18.16 15.67 -13.87
CA GLY B 177 -17.72 15.91 -15.24
C GLY B 177 -17.14 14.68 -15.91
N SER B 178 -16.48 13.82 -15.13
CA SER B 178 -15.89 12.61 -15.68
C SER B 178 -16.96 11.59 -16.04
N ALA B 179 -17.91 11.36 -15.12
CA ALA B 179 -18.97 10.39 -15.38
C ALA B 179 -19.84 10.82 -16.56
N VAL B 180 -20.10 12.13 -16.71
CA VAL B 180 -20.94 12.59 -17.80
C VAL B 180 -20.26 12.37 -19.15
N ALA B 181 -18.94 12.48 -19.19
CA ALA B 181 -18.22 12.22 -20.43
C ALA B 181 -18.38 10.76 -20.87
N LEU B 182 -18.43 9.84 -19.91
CA LEU B 182 -18.56 8.44 -20.27
C LEU B 182 -19.99 8.07 -20.61
N ALA B 183 -20.96 8.70 -19.96
CA ALA B 183 -22.36 8.45 -20.30
C ALA B 183 -22.70 8.96 -21.69
N SER B 184 -22.10 10.09 -22.09
CA SER B 184 -22.26 10.59 -23.45
C SER B 184 -21.54 9.72 -24.50
N GLY B 185 -20.49 9.00 -24.09
CA GLY B 185 -19.73 8.19 -25.03
C GLY B 185 -18.57 8.88 -25.69
N MET B 186 -18.26 10.11 -25.28
CA MET B 186 -17.07 10.82 -25.78
C MET B 186 -15.82 9.94 -25.66
N VAL B 187 -15.53 9.47 -24.44
CA VAL B 187 -14.32 8.70 -24.18
C VAL B 187 -14.67 7.41 -23.46
N PRO B 188 -13.94 6.32 -23.72
CA PRO B 188 -14.14 5.08 -22.95
C PRO B 188 -13.66 5.15 -21.51
N LEU B 189 -12.56 5.83 -21.23
CA LEU B 189 -11.91 5.76 -19.92
C LEU B 189 -11.71 7.15 -19.33
N GLU B 190 -11.82 7.24 -18.00
CA GLU B 190 -11.67 8.48 -17.24
C GLU B 190 -11.13 8.14 -15.85
N PHE B 191 -10.60 9.16 -15.17
CA PHE B 191 -10.07 8.99 -13.83
C PHE B 191 -10.49 10.14 -12.92
N GLY B 192 -10.75 9.84 -11.63
CA GLY B 192 -11.38 10.78 -10.73
C GLY B 192 -10.81 10.72 -9.33
N SER B 193 -11.39 11.51 -8.42
CA SER B 193 -11.01 11.50 -7.01
C SER B 193 -12.23 11.33 -6.13
N ASP B 194 -12.05 10.66 -5.00
CA ASP B 194 -13.13 10.35 -4.07
C ASP B 194 -12.66 10.58 -2.64
N ILE B 195 -13.36 11.45 -1.90
CA ILE B 195 -13.23 11.52 -0.46
C ILE B 195 -14.56 11.27 0.24
N GLY B 196 -15.66 11.77 -0.33
CA GLY B 196 -16.95 11.61 0.26
C GLY B 196 -17.93 10.87 -0.63
N GLY B 197 -17.41 9.92 -1.42
CA GLY B 197 -18.21 9.24 -2.43
C GLY B 197 -18.16 9.89 -3.80
N SER B 198 -17.21 10.77 -4.04
CA SER B 198 -17.17 11.53 -5.29
C SER B 198 -16.90 10.67 -6.52
N ILE B 199 -16.29 9.49 -6.36
CA ILE B 199 -16.18 8.61 -7.50
C ILE B 199 -17.47 7.83 -7.69
N ARG B 200 -17.96 7.24 -6.62
CA ARG B 200 -19.07 6.29 -6.71
C ARG B 200 -20.37 6.99 -7.05
N VAL B 201 -20.66 8.12 -6.42
CA VAL B 201 -21.98 8.73 -6.54
C VAL B 201 -22.21 9.27 -7.96
N PRO B 202 -21.30 10.06 -8.54
CA PRO B 202 -21.54 10.52 -9.92
C PRO B 202 -21.63 9.38 -10.91
N ALA B 203 -20.84 8.33 -10.73
CA ALA B 203 -20.93 7.17 -11.61
C ALA B 203 -22.31 6.55 -11.51
N ALA B 204 -22.78 6.35 -10.28
CA ALA B 204 -24.12 5.79 -10.10
C ALA B 204 -25.18 6.70 -10.69
N PHE B 205 -25.09 8.01 -10.45
CA PHE B 205 -26.10 8.96 -10.94
C PHE B 205 -26.17 8.97 -12.45
N ASN B 206 -25.04 8.75 -13.12
CA ASN B 206 -24.97 8.76 -14.57
C ASN B 206 -24.94 7.36 -15.17
N GLY B 207 -25.23 6.35 -14.38
CA GLY B 207 -25.30 4.98 -14.86
C GLY B 207 -24.01 4.48 -15.48
N VAL B 208 -22.87 4.80 -14.86
CA VAL B 208 -21.57 4.34 -15.30
C VAL B 208 -20.84 3.77 -14.09
N TRP B 209 -19.71 3.13 -14.37
CA TRP B 209 -18.91 2.48 -13.33
C TRP B 209 -17.85 3.39 -12.72
N GLY B 210 -17.58 3.15 -11.46
CA GLY B 210 -16.45 3.77 -10.80
C GLY B 210 -15.87 2.81 -9.79
N HIS B 211 -14.58 2.95 -9.54
CA HIS B 211 -13.94 2.15 -8.50
C HIS B 211 -13.20 3.10 -7.54
N LYS B 212 -13.49 2.96 -6.26
CA LYS B 212 -12.79 3.69 -5.20
C LYS B 212 -11.85 2.69 -4.56
N PRO B 213 -10.55 2.77 -4.79
CA PRO B 213 -9.64 1.71 -4.37
C PRO B 213 -9.34 1.75 -2.88
N THR B 214 -8.67 0.69 -2.43
CA THR B 214 -8.08 0.66 -1.11
C THR B 214 -7.20 1.89 -0.92
N TYR B 215 -7.21 2.46 0.28
CA TYR B 215 -6.45 3.69 0.48
C TYR B 215 -4.96 3.42 0.25
N GLY B 216 -4.31 4.33 -0.49
CA GLY B 216 -2.86 4.28 -0.60
C GLY B 216 -2.28 3.39 -1.67
N VAL B 217 -3.09 2.72 -2.49
CA VAL B 217 -2.46 1.88 -3.50
C VAL B 217 -2.24 2.65 -4.79
N LEU B 218 -3.08 3.66 -5.07
CA LEU B 218 -2.92 4.48 -6.27
C LEU B 218 -2.29 5.81 -5.89
N PRO B 219 -1.18 6.21 -6.51
CA PRO B 219 -0.45 7.40 -6.05
C PRO B 219 -1.24 8.68 -6.30
N THR B 220 -1.34 9.52 -5.27
CA THR B 220 -2.09 10.77 -5.35
C THR B 220 -1.27 11.93 -5.91
N ASP B 221 0.05 11.77 -6.02
CA ASP B 221 0.92 12.90 -6.31
C ASP B 221 0.62 13.48 -7.68
N GLY B 222 0.59 14.82 -7.74
CA GLY B 222 0.17 15.58 -8.90
C GLY B 222 -1.32 15.78 -9.03
N HIS B 223 -2.10 15.34 -8.04
CA HIS B 223 -3.54 15.54 -8.03
C HIS B 223 -3.93 16.39 -6.84
N PHE B 224 -4.65 17.48 -7.08
CA PHE B 224 -5.02 18.36 -5.98
C PHE B 224 -6.40 17.97 -5.48
N PHE B 225 -6.47 17.71 -4.20
CA PHE B 225 -7.62 17.18 -3.51
C PHE B 225 -8.42 18.33 -2.94
N PRO B 226 -9.78 18.34 -3.00
CA PRO B 226 -10.51 19.41 -2.35
C PRO B 226 -10.21 19.34 -0.85
N GLY B 227 -10.31 20.46 -0.15
CA GLY B 227 -10.02 20.32 1.29
C GLY B 227 -8.79 21.09 1.71
N THR B 228 -8.85 21.73 2.88
CA THR B 228 -7.76 22.56 3.39
C THR B 228 -6.49 21.78 3.68
N ASP B 229 -6.59 20.55 4.19
CA ASP B 229 -5.37 19.86 4.68
C ASP B 229 -4.32 19.68 3.57
N PHE B 230 -3.05 19.96 3.89
CA PHE B 230 -1.92 19.82 2.94
C PHE B 230 -1.59 18.36 2.70
N ALA B 231 -1.11 18.01 1.50
CA ALA B 231 -0.67 16.62 1.18
C ALA B 231 -1.91 15.77 0.88
N LYS B 232 -1.73 14.47 0.65
CA LYS B 232 -2.95 13.65 0.47
C LYS B 232 -3.66 13.62 1.82
N SER B 233 -4.98 13.85 1.83
CA SER B 233 -5.75 13.69 3.09
C SER B 233 -5.87 12.19 3.39
N VAL B 234 -5.93 11.81 4.66
CA VAL B 234 -6.21 10.37 4.95
C VAL B 234 -7.61 10.11 4.38
N LEU B 235 -7.97 8.85 4.10
CA LEU B 235 -9.30 8.52 3.59
C LEU B 235 -9.51 8.88 2.12
N SER B 236 -8.67 9.73 1.55
CA SER B 236 -8.91 10.27 0.21
C SER B 236 -8.14 9.44 -0.82
N VAL B 237 -8.77 9.19 -1.98
CA VAL B 237 -8.19 8.36 -3.02
C VAL B 237 -8.51 8.91 -4.41
N ILE B 238 -7.68 8.51 -5.39
CA ILE B 238 -7.97 8.63 -6.82
C ILE B 238 -8.37 7.26 -7.35
N GLY B 239 -9.26 7.26 -8.33
CA GLY B 239 -9.81 6.03 -8.84
C GLY B 239 -10.23 6.16 -10.28
N PRO B 240 -10.33 5.03 -10.97
CA PRO B 240 -10.79 5.03 -12.37
C PRO B 240 -12.30 5.09 -12.52
N LEU B 241 -12.73 5.56 -13.69
CA LEU B 241 -14.12 5.52 -14.10
C LEU B 241 -14.22 4.96 -15.51
N ALA B 242 -15.24 4.15 -15.76
CA ALA B 242 -15.39 3.50 -17.07
C ALA B 242 -16.82 3.00 -17.24
N ARG B 243 -17.11 2.47 -18.43
CA ARG B 243 -18.41 1.87 -18.70
C ARG B 243 -18.48 0.37 -18.38
N ASP B 244 -17.36 -0.33 -18.19
CA ASP B 244 -17.38 -1.73 -17.79
C ASP B 244 -16.30 -2.03 -16.77
N ALA B 245 -16.43 -3.19 -16.12
CA ALA B 245 -15.51 -3.62 -15.06
C ALA B 245 -14.10 -3.87 -15.56
N ASP B 246 -13.95 -4.41 -16.76
CA ASP B 246 -12.62 -4.77 -17.22
C ASP B 246 -11.77 -3.53 -17.44
N ASP B 247 -12.34 -2.49 -18.03
CA ASP B 247 -11.62 -1.23 -18.17
C ASP B 247 -11.19 -0.70 -16.81
N LEU B 248 -12.07 -0.81 -15.80
CA LEU B 248 -11.71 -0.42 -14.44
C LEU B 248 -10.52 -1.20 -13.92
N GLU B 249 -10.56 -2.53 -14.06
CA GLU B 249 -9.47 -3.35 -13.52
C GLU B 249 -8.16 -3.05 -14.24
N ALA B 250 -8.23 -2.87 -15.57
CA ALA B 250 -7.04 -2.56 -16.34
C ALA B 250 -6.42 -1.25 -15.87
N ALA B 251 -7.26 -0.22 -15.70
CA ALA B 251 -6.77 1.08 -15.28
C ALA B 251 -6.17 1.00 -13.89
N LEU B 252 -6.82 0.25 -13.01
CA LEU B 252 -6.35 0.12 -11.65
C LEU B 252 -4.96 -0.49 -11.61
N GLU B 253 -4.76 -1.57 -12.35
CA GLU B 253 -3.46 -2.25 -12.28
C GLU B 253 -2.36 -1.42 -12.91
N ILE B 254 -2.69 -0.58 -13.90
CA ILE B 254 -1.69 0.29 -14.52
C ILE B 254 -1.26 1.39 -13.54
N VAL B 255 -2.23 2.07 -12.92
CA VAL B 255 -1.90 3.22 -12.09
C VAL B 255 -1.35 2.81 -10.70
N ALA B 256 -1.72 1.64 -10.18
CA ALA B 256 -1.37 1.25 -8.82
C ALA B 256 0.15 1.18 -8.60
N ASP B 257 0.57 1.56 -7.38
CA ASP B 257 1.98 1.48 -7.01
C ASP B 257 2.49 0.05 -6.88
N HIS B 258 1.62 -0.92 -6.57
CA HIS B 258 2.00 -2.31 -6.43
C HIS B 258 0.91 -3.20 -7.03
N PRO B 259 1.22 -4.45 -7.37
CA PRO B 259 0.17 -5.34 -7.90
C PRO B 259 -0.87 -5.69 -6.84
N LEU B 260 -2.05 -6.06 -7.32
CA LEU B 260 -3.19 -6.39 -6.48
C LEU B 260 -3.57 -7.85 -6.72
N ALA B 261 -3.87 -8.55 -5.64
CA ALA B 261 -4.22 -9.96 -5.75
C ALA B 261 -5.52 -10.11 -6.53
N PRO B 262 -5.68 -11.22 -7.25
CA PRO B 262 -6.91 -11.45 -8.00
C PRO B 262 -8.03 -11.85 -7.07
N ALA B 263 -9.22 -11.93 -7.64
CA ALA B 263 -10.42 -12.28 -6.91
C ALA B 263 -10.28 -13.65 -6.25
N LYS B 264 -10.75 -13.70 -5.04
CA LYS B 264 -10.71 -14.85 -4.18
C LYS B 264 -12.01 -14.92 -3.37
N ARG B 265 -12.50 -16.12 -3.09
CA ARG B 265 -13.76 -16.31 -2.39
C ARG B 265 -13.51 -17.30 -1.27
N HIS B 266 -14.24 -17.17 -0.18
CA HIS B 266 -14.13 -18.18 0.86
C HIS B 266 -14.52 -19.54 0.30
N GLY B 267 -15.64 -19.58 -0.46
CA GLY B 267 -16.14 -20.83 -1.00
C GLY B 267 -16.48 -20.71 -2.47
N ASP B 268 -16.81 -21.85 -3.07
CA ASP B 268 -17.17 -21.94 -4.49
C ASP B 268 -18.27 -20.97 -4.91
N GLN B 269 -19.07 -20.45 -3.98
CA GLN B 269 -20.17 -19.53 -4.29
C GLN B 269 -19.92 -18.16 -3.65
N TRP B 270 -20.52 -17.13 -4.22
CA TRP B 270 -20.47 -15.80 -3.60
C TRP B 270 -21.19 -15.85 -2.25
N ARG B 271 -20.59 -15.21 -1.25
CA ARG B 271 -21.26 -14.96 0.02
C ARG B 271 -21.30 -13.47 0.28
N ILE B 272 -22.50 -12.91 0.25
CA ILE B 272 -22.75 -11.48 0.19
C ILE B 272 -23.65 -11.08 1.34
N LEU B 273 -23.45 -9.86 1.82
CA LEU B 273 -24.30 -9.25 2.84
C LEU B 273 -24.88 -7.97 2.25
N LEU B 274 -26.20 -7.80 2.38
CA LEU B 274 -26.82 -6.54 2.01
C LEU B 274 -26.71 -5.57 3.17
N LEU B 275 -26.41 -4.32 2.85
CA LEU B 275 -26.43 -3.26 3.85
C LEU B 275 -27.31 -2.16 3.26
N VAL B 276 -28.61 -2.37 3.33
CA VAL B 276 -29.56 -1.37 2.89
C VAL B 276 -29.89 -0.37 4.00
N ASN B 277 -29.85 -0.81 5.25
CA ASN B 277 -30.18 0.03 6.38
C ASN B 277 -28.89 0.53 7.02
N ALA B 278 -28.76 1.84 7.08
CA ALA B 278 -27.64 2.52 7.69
C ALA B 278 -28.20 3.40 8.80
N PRO B 279 -27.39 3.73 9.80
CA PRO B 279 -27.96 4.45 10.93
C PRO B 279 -28.52 5.77 10.43
N LYS B 280 -29.78 5.99 10.79
CA LYS B 280 -30.52 7.23 10.56
C LYS B 280 -30.46 7.64 9.09
N ALA B 281 -30.50 6.64 8.19
CA ALA B 281 -30.43 6.83 6.74
C ALA B 281 -31.61 6.14 6.08
N LYS B 282 -32.25 6.84 5.14
CA LYS B 282 -33.46 6.38 4.46
C LYS B 282 -33.16 6.16 2.98
N VAL B 283 -33.68 5.05 2.43
CA VAL B 283 -33.39 4.61 1.08
C VAL B 283 -34.67 4.64 0.26
N GLN B 284 -34.59 5.19 -0.96
CA GLN B 284 -35.73 5.19 -1.86
C GLN B 284 -36.17 3.76 -2.15
N ARG B 285 -37.47 3.58 -2.35
CA ARG B 285 -38.00 2.24 -2.54
C ARG B 285 -37.49 1.61 -3.82
N ALA B 286 -37.35 2.40 -4.90
CA ALA B 286 -36.87 1.85 -6.16
C ALA B 286 -35.45 1.30 -6.01
N ILE B 287 -34.61 2.01 -5.25
CA ILE B 287 -33.26 1.53 -4.99
C ILE B 287 -33.32 0.28 -4.14
N ARG B 288 -34.14 0.28 -3.10
CA ARG B 288 -34.26 -0.89 -2.25
C ARG B 288 -34.79 -2.10 -3.03
N ASP B 289 -35.74 -1.86 -3.96
CA ASP B 289 -36.26 -2.96 -4.78
C ASP B 289 -35.20 -3.48 -5.75
N ALA B 290 -34.44 -2.58 -6.39
CA ALA B 290 -33.44 -3.02 -7.34
C ALA B 290 -32.41 -3.93 -6.68
N ILE B 291 -32.05 -3.63 -5.43
CA ILE B 291 -31.09 -4.46 -4.72
C ILE B 291 -31.68 -5.82 -4.39
N ASP B 292 -32.96 -5.83 -3.99
CA ASP B 292 -33.62 -7.11 -3.68
C ASP B 292 -33.58 -8.02 -4.91
N ASP B 293 -33.91 -7.47 -6.09
CA ASP B 293 -33.96 -8.33 -7.30
C ASP B 293 -32.58 -8.90 -7.60
N LEU B 294 -31.53 -8.09 -7.46
CA LEU B 294 -30.16 -8.56 -7.77
C LEU B 294 -29.81 -9.70 -6.81
N ALA B 295 -30.18 -9.56 -5.55
CA ALA B 295 -29.89 -10.60 -4.54
C ALA B 295 -30.61 -11.89 -4.96
N GLU B 296 -31.84 -11.74 -5.43
CA GLU B 296 -32.62 -12.93 -5.87
C GLU B 296 -31.88 -13.61 -7.03
N ARG B 297 -31.44 -12.86 -8.03
CA ARG B 297 -30.71 -13.48 -9.12
C ARG B 297 -29.40 -14.10 -8.63
N PHE B 298 -28.71 -13.44 -7.68
CA PHE B 298 -27.52 -14.05 -7.11
C PHE B 298 -27.88 -15.37 -6.43
N ARG B 299 -29.02 -15.41 -5.74
CA ARG B 299 -29.43 -16.65 -5.10
C ARG B 299 -29.69 -17.72 -6.15
N ALA B 300 -30.27 -17.32 -7.29
CA ALA B 300 -30.52 -18.26 -8.39
C ALA B 300 -29.23 -18.92 -8.86
N GLN B 301 -28.13 -18.18 -8.91
CA GLN B 301 -26.88 -18.77 -9.35
C GLN B 301 -26.24 -19.68 -8.30
N GLY B 302 -26.75 -19.69 -7.07
CA GLY B 302 -26.17 -20.49 -6.01
C GLY B 302 -25.51 -19.68 -4.92
N ALA B 303 -25.53 -18.34 -5.00
CA ALA B 303 -24.94 -17.52 -3.95
C ALA B 303 -25.80 -17.51 -2.69
N THR B 304 -25.14 -17.27 -1.55
CA THR B 304 -25.81 -16.94 -0.31
C THR B 304 -25.75 -15.42 -0.12
N VAL B 305 -26.92 -14.80 0.03
CA VAL B 305 -27.07 -13.35 0.11
C VAL B 305 -27.84 -13.07 1.40
N ASP B 306 -27.11 -12.70 2.45
CA ASP B 306 -27.70 -12.46 3.76
C ASP B 306 -28.18 -11.01 3.92
N THR B 307 -29.36 -10.86 4.52
CA THR B 307 -29.88 -9.54 4.84
C THR B 307 -29.24 -8.95 6.09
N ALA B 308 -28.84 -9.79 7.04
CA ALA B 308 -28.31 -9.35 8.31
C ALA B 308 -27.19 -10.27 8.76
N SER B 309 -26.23 -9.70 9.50
CA SER B 309 -25.17 -10.48 10.10
C SER B 309 -24.92 -9.98 11.52
N ASP B 310 -24.65 -10.91 12.43
CA ASP B 310 -24.27 -10.50 13.78
C ASP B 310 -22.90 -9.83 13.79
N ARG B 311 -22.00 -10.25 12.90
CA ARG B 311 -20.64 -9.72 12.89
C ARG B 311 -20.57 -8.31 12.31
N LEU B 312 -21.71 -7.72 11.97
CA LEU B 312 -21.68 -6.38 11.35
C LEU B 312 -20.95 -5.41 12.30
N PRO B 313 -19.89 -4.71 11.86
CA PRO B 313 -19.24 -3.72 12.71
C PRO B 313 -20.31 -2.67 12.92
N ASP B 314 -20.41 -2.13 14.14
CA ASP B 314 -21.55 -1.19 14.30
C ASP B 314 -21.31 0.02 13.39
N LEU B 315 -22.31 0.36 12.59
CA LEU B 315 -22.21 1.58 11.74
C LEU B 315 -22.18 2.80 12.67
N GLU B 316 -22.97 2.77 13.74
CA GLU B 316 -23.05 3.91 14.70
C GLU B 316 -21.65 4.45 14.98
N ARG B 317 -20.78 3.66 15.63
CA ARG B 317 -19.46 4.22 15.92
C ARG B 317 -18.72 4.61 14.66
N GLN B 318 -18.84 3.78 13.61
CA GLN B 318 -18.16 4.06 12.36
C GLN B 318 -18.61 5.40 11.80
N ASN B 319 -19.91 5.65 11.84
CA ASN B 319 -20.39 6.93 11.35
C ASN B 319 -19.93 8.05 12.27
N ALA B 320 -19.79 7.74 13.56
CA ALA B 320 -19.39 8.77 14.52
C ALA B 320 -18.02 9.34 14.19
N ALA B 321 -17.06 8.47 13.86
CA ALA B 321 -15.75 8.96 13.46
C ALA B 321 -15.83 9.69 12.12
N TYR B 322 -16.63 9.20 11.18
CA TYR B 322 -16.50 9.63 9.79
C TYR B 322 -16.86 11.09 9.58
N GLU B 323 -18.01 11.55 10.09
CA GLU B 323 -18.38 12.94 9.84
C GLU B 323 -17.33 13.91 10.36
N GLN B 324 -16.78 13.65 11.55
CA GLN B 324 -15.87 14.62 12.12
C GLN B 324 -14.54 14.68 11.37
N MET B 325 -14.04 13.55 10.85
CA MET B 325 -12.82 13.62 10.05
C MET B 325 -13.06 14.40 8.77
N LEU B 326 -14.30 14.38 8.26
CA LEU B 326 -14.56 15.23 7.12
C LEU B 326 -14.46 16.70 7.53
N ASN B 327 -14.97 17.04 8.72
CA ASN B 327 -14.77 18.41 9.20
C ASN B 327 -13.34 18.65 9.65
N ILE B 328 -12.65 17.62 10.17
CA ILE B 328 -11.24 17.74 10.51
C ILE B 328 -10.37 18.03 9.30
N ALA B 329 -10.62 17.33 8.19
CA ALA B 329 -9.83 17.58 6.99
C ALA B 329 -10.10 18.97 6.44
N MET B 330 -11.32 19.47 6.61
CA MET B 330 -11.68 20.86 6.27
C MET B 330 -11.19 21.85 7.32
N SER B 331 -9.90 21.83 7.63
CA SER B 331 -9.48 22.68 8.76
C SER B 331 -8.16 23.41 8.53
N VAL B 332 -7.22 23.24 9.45
CA VAL B 332 -6.00 24.03 9.49
C VAL B 332 -5.16 23.80 8.23
N GLU B 341 -12.06 26.40 17.34
CA GLU B 341 -10.81 26.18 18.04
C GLU B 341 -9.89 25.24 17.26
N PRO B 342 -8.58 25.48 17.33
CA PRO B 342 -7.61 24.59 16.67
C PRO B 342 -7.73 23.18 17.23
N PRO B 343 -7.98 22.18 16.38
CA PRO B 343 -8.18 20.82 16.88
C PRO B 343 -6.92 20.30 17.56
N THR B 344 -7.11 19.58 18.67
CA THR B 344 -5.94 19.09 19.36
C THR B 344 -5.34 17.88 18.65
N LEU B 345 -4.04 17.69 18.85
CA LEU B 345 -3.37 16.49 18.37
C LEU B 345 -4.04 15.23 18.90
N ALA B 346 -4.42 15.22 20.18
CA ALA B 346 -4.99 14.02 20.79
C ALA B 346 -6.32 13.63 20.13
N THR B 347 -7.14 14.62 19.76
CA THR B 347 -8.34 14.31 18.97
C THR B 347 -7.97 13.58 17.69
N TRP B 348 -7.00 14.13 16.96
CA TRP B 348 -6.58 13.53 15.71
C TRP B 348 -6.02 12.13 15.96
N LEU B 349 -5.28 11.96 17.05
CA LEU B 349 -4.77 10.64 17.40
C LEU B 349 -5.91 9.67 17.70
N HIS B 350 -6.94 10.15 18.38
CA HIS B 350 -8.06 9.27 18.73
C HIS B 350 -8.91 8.97 17.51
N LEU B 351 -9.03 9.93 16.59
CA LEU B 351 -9.74 9.68 15.35
C LEU B 351 -9.07 8.59 14.53
N HIS B 352 -7.73 8.63 14.44
CA HIS B 352 -7.01 7.55 13.77
C HIS B 352 -7.18 6.23 14.53
N ASP B 353 -7.17 6.28 15.86
CA ASP B 353 -7.37 5.08 16.66
C ASP B 353 -8.76 4.49 16.44
N GLU B 354 -9.76 5.34 16.29
CA GLU B 354 -11.11 4.85 16.04
C GLU B 354 -11.21 4.12 14.70
N GLN B 355 -10.68 4.73 13.64
CA GLN B 355 -10.81 4.13 12.31
C GLN B 355 -10.00 2.85 12.19
N ALA B 356 -8.88 2.76 12.90
CA ALA B 356 -8.08 1.54 12.83
C ALA B 356 -8.84 0.34 13.40
N ARG B 357 -9.53 0.51 14.53
CA ARG B 357 -10.20 -0.65 15.10
C ARG B 357 -11.59 -0.85 14.50
N MET B 358 -12.13 0.15 13.76
CA MET B 358 -13.30 -0.12 12.91
C MET B 358 -12.88 -0.95 11.71
N GLN B 359 -11.72 -0.64 11.13
CA GLN B 359 -11.22 -1.43 9.99
C GLN B 359 -11.05 -2.87 10.46
N ARG B 360 -10.59 -3.06 11.71
CA ARG B 360 -10.40 -4.41 12.27
C ARG B 360 -11.77 -5.11 12.34
N GLN B 361 -12.81 -4.37 12.72
CA GLN B 361 -14.17 -4.96 12.77
C GLN B 361 -14.60 -5.38 11.36
N TRP B 362 -14.34 -4.53 10.36
CA TRP B 362 -14.68 -4.89 8.99
C TRP B 362 -13.86 -6.09 8.54
N ARG B 363 -12.60 -6.13 8.97
CA ARG B 363 -11.76 -7.30 8.73
C ARG B 363 -12.42 -8.57 9.22
N ARG B 364 -13.05 -8.52 10.41
CA ARG B 364 -13.68 -9.71 10.96
C ARG B 364 -14.92 -10.09 10.18
N LEU B 365 -15.69 -9.10 9.73
CA LEU B 365 -16.85 -9.36 8.89
C LEU B 365 -16.44 -10.09 7.60
N PHE B 366 -15.37 -9.63 6.94
CA PHE B 366 -14.94 -10.22 5.68
C PHE B 366 -14.29 -11.59 5.88
N GLU B 367 -14.05 -11.99 7.13
CA GLU B 367 -13.72 -13.39 7.38
C GLU B 367 -14.89 -14.30 7.00
N THR B 368 -16.12 -13.79 7.08
CA THR B 368 -17.26 -14.58 6.64
C THR B 368 -17.65 -14.27 5.19
N TYR B 369 -17.65 -13.00 4.80
CA TYR B 369 -18.23 -12.54 3.54
C TYR B 369 -17.15 -12.16 2.53
N ASP B 370 -17.42 -12.42 1.25
CA ASP B 370 -16.57 -11.96 0.16
C ASP B 370 -16.79 -10.49 -0.15
N VAL B 371 -18.05 -10.04 -0.21
CA VAL B 371 -18.38 -8.65 -0.50
C VAL B 371 -19.61 -8.22 0.29
N VAL B 372 -19.75 -6.90 0.43
CA VAL B 372 -20.92 -6.25 0.99
C VAL B 372 -21.53 -5.40 -0.11
N ILE B 373 -22.84 -5.53 -0.32
CA ILE B 373 -23.55 -4.75 -1.33
C ILE B 373 -24.40 -3.73 -0.60
N ALA B 374 -24.25 -2.47 -0.97
CA ALA B 374 -24.90 -1.37 -0.26
C ALA B 374 -25.25 -0.28 -1.27
N PRO B 375 -26.20 0.58 -0.94
CA PRO B 375 -26.45 1.72 -1.83
C PRO B 375 -25.25 2.64 -1.86
N THR B 376 -24.96 3.18 -3.05
CA THR B 376 -24.01 4.28 -3.13
C THR B 376 -24.45 5.42 -2.22
N VAL B 377 -25.72 5.77 -2.32
CA VAL B 377 -26.32 6.78 -1.45
C VAL B 377 -27.81 6.52 -1.45
N GLY B 378 -28.50 6.97 -0.40
CA GLY B 378 -29.90 6.62 -0.23
C GLY B 378 -30.79 7.00 -1.39
N MET B 379 -30.39 7.98 -2.18
CA MET B 379 -31.26 8.56 -3.19
C MET B 379 -30.70 8.37 -4.60
N THR B 380 -31.61 8.40 -5.58
CA THR B 380 -31.25 8.61 -6.97
C THR B 380 -30.82 10.06 -7.19
N ALA B 381 -30.43 10.39 -8.42
CA ALA B 381 -30.06 11.78 -8.74
C ALA B 381 -31.14 12.75 -8.25
N PHE B 382 -30.74 13.92 -7.74
CA PHE B 382 -31.72 14.88 -7.18
C PHE B 382 -31.57 16.23 -7.89
N PRO B 383 -32.64 17.05 -8.01
CA PRO B 383 -32.51 18.37 -8.62
C PRO B 383 -31.61 19.27 -7.79
N HIS B 384 -30.80 20.10 -8.46
CA HIS B 384 -29.87 21.02 -7.75
C HIS B 384 -30.66 21.93 -6.80
N ASP B 385 -30.01 22.35 -5.72
CA ASP B 385 -30.68 23.27 -4.75
C ASP B 385 -29.92 24.60 -4.78
N ASP B 386 -30.64 25.72 -4.95
CA ASP B 386 -29.95 27.03 -5.10
C ASP B 386 -29.17 27.35 -3.82
N THR B 387 -29.75 27.08 -2.65
CA THR B 387 -29.00 27.30 -1.40
C THR B 387 -28.82 25.97 -0.70
N PRO B 388 -27.59 25.59 -0.34
CA PRO B 388 -27.39 24.36 0.41
C PRO B 388 -27.49 24.49 1.93
N LEU B 389 -28.70 24.71 2.47
CA LEU B 389 -28.82 24.67 3.95
C LEU B 389 -28.50 23.22 4.32
N PRO B 390 -27.74 22.93 5.40
CA PRO B 390 -27.43 21.53 5.63
C PRO B 390 -28.70 20.77 5.94
N HIS B 391 -28.95 19.65 5.26
CA HIS B 391 -30.09 18.70 5.52
C HIS B 391 -31.38 19.17 4.85
N ARG B 392 -31.41 20.38 4.30
CA ARG B 392 -32.69 20.88 3.74
C ARG B 392 -33.15 20.08 2.52
N ARG B 393 -32.23 19.77 1.62
CA ARG B 393 -32.60 19.15 0.32
C ARG B 393 -33.20 17.73 0.38
N LEU B 394 -32.67 16.85 1.24
CA LEU B 394 -33.09 15.42 1.12
C LEU B 394 -34.57 15.16 1.43
N ASP B 395 -35.25 14.40 0.56
CA ASP B 395 -36.62 13.90 0.83
C ASP B 395 -36.56 12.42 0.45
N ILE B 396 -37.03 11.49 1.28
CA ILE B 396 -37.02 10.07 0.79
C ILE B 396 -38.45 9.53 0.78
N ASP B 397 -38.90 9.00 -0.37
CA ASP B 397 -40.24 8.34 -0.43
C ASP B 397 -41.32 9.31 0.07
N GLY B 398 -41.20 10.60 -0.27
CA GLY B 398 -42.23 11.58 0.12
C GLY B 398 -42.08 12.06 1.55
N GLU B 399 -40.99 11.67 2.21
CA GLU B 399 -40.76 12.10 3.62
C GLU B 399 -39.46 12.93 3.68
N ASP B 400 -39.51 14.11 4.28
CA ASP B 400 -38.31 14.99 4.35
C ASP B 400 -37.24 14.29 5.18
N THR B 401 -35.97 14.36 4.77
CA THR B 401 -34.90 13.64 5.48
C THR B 401 -33.70 14.54 5.66
N PRO B 402 -32.88 14.36 6.71
CA PRO B 402 -31.64 15.12 6.83
C PRO B 402 -30.73 14.69 5.69
N PHE B 403 -30.02 15.65 5.09
CA PHE B 403 -29.06 15.31 4.00
C PHE B 403 -27.84 14.65 4.64
N LEU B 404 -27.29 15.25 5.71
CA LEU B 404 -26.09 14.66 6.29
C LEU B 404 -26.16 13.15 6.32
N HIS B 405 -27.34 12.62 6.63
CA HIS B 405 -27.47 11.19 6.89
C HIS B 405 -27.10 10.34 5.68
N GLN B 406 -27.34 10.85 4.47
CA GLN B 406 -27.03 10.07 3.28
C GLN B 406 -25.52 9.86 3.12
N PHE B 407 -24.71 10.77 3.68
CA PHE B 407 -23.27 10.61 3.62
C PHE B 407 -22.76 9.39 4.38
N ALA B 408 -23.61 8.75 5.19
CA ALA B 408 -23.20 7.52 5.86
C ALA B 408 -22.85 6.42 4.85
N PHE B 409 -23.51 6.42 3.67
CA PHE B 409 -23.28 5.35 2.70
C PHE B 409 -21.89 5.43 2.07
N PRO B 410 -21.44 6.56 1.52
CA PRO B 410 -20.04 6.65 1.06
C PRO B 410 -19.02 6.37 2.15
N GLY B 411 -19.31 6.79 3.37
CA GLY B 411 -18.39 6.57 4.47
C GLY B 411 -18.18 5.12 4.81
N LEU B 412 -19.16 4.27 4.51
CA LEU B 412 -19.05 2.85 4.82
C LEU B 412 -17.72 2.28 4.36
N ALA B 413 -17.32 2.58 3.12
CA ALA B 413 -16.04 2.15 2.59
C ALA B 413 -14.90 3.06 3.02
N THR B 414 -15.12 4.37 2.99
CA THR B 414 -14.02 5.31 3.10
C THR B 414 -13.34 5.22 4.46
N LEU B 415 -14.11 5.23 5.54
CA LEU B 415 -13.51 5.23 6.87
C LEU B 415 -12.66 3.99 7.11
N PRO B 416 -13.12 2.78 6.79
CA PRO B 416 -12.23 1.61 6.93
C PRO B 416 -11.14 1.55 5.87
N MET B 417 -11.22 2.37 4.81
CA MET B 417 -10.23 2.44 3.71
C MET B 417 -10.45 1.29 2.72
N LEU B 418 -11.58 0.60 2.79
CA LEU B 418 -11.85 -0.55 1.96
C LEU B 418 -12.07 -0.17 0.50
N PRO B 419 -11.78 -1.08 -0.43
CA PRO B 419 -12.16 -0.86 -1.83
C PRO B 419 -13.68 -0.99 -2.01
N ALA B 420 -14.22 -0.15 -2.89
CA ALA B 420 -15.64 -0.21 -3.24
C ALA B 420 -15.84 0.08 -4.72
N THR B 421 -16.61 -0.76 -5.40
CA THR B 421 -16.93 -0.58 -6.81
C THR B 421 -18.38 -0.11 -6.97
N SER B 422 -18.58 0.93 -7.76
CA SER B 422 -19.91 1.47 -8.06
C SER B 422 -20.39 0.90 -9.39
N VAL B 423 -21.54 0.25 -9.36
CA VAL B 423 -22.04 -0.53 -10.51
C VAL B 423 -23.46 -0.11 -10.87
N PRO B 424 -23.77 0.14 -12.14
CA PRO B 424 -25.17 0.37 -12.52
C PRO B 424 -25.93 -0.95 -12.48
N ILE B 425 -27.03 -0.99 -11.73
CA ILE B 425 -27.85 -2.20 -11.65
C ILE B 425 -29.31 -1.95 -12.01
N GLY B 426 -29.73 -0.72 -12.24
CA GLY B 426 -31.13 -0.49 -12.51
C GLY B 426 -31.36 0.91 -13.03
N ARG B 427 -32.60 1.17 -13.42
CA ARG B 427 -33.09 2.51 -13.66
C ARG B 427 -34.45 2.67 -12.99
N ASP B 428 -34.65 3.78 -12.29
CA ASP B 428 -35.89 4.02 -11.54
C ASP B 428 -37.04 4.39 -12.48
N GLY B 429 -38.22 4.60 -11.88
CA GLY B 429 -39.40 4.95 -12.66
C GLY B 429 -39.22 6.19 -13.51
N ASP B 430 -38.51 7.20 -12.99
CA ASP B 430 -38.25 8.39 -13.79
C ASP B 430 -37.19 8.17 -14.87
N GLY B 431 -36.52 7.01 -14.85
CA GLY B 431 -35.49 6.70 -15.82
C GLY B 431 -34.09 7.00 -15.33
N LEU B 432 -33.95 7.54 -14.13
CA LEU B 432 -32.65 7.76 -13.53
C LEU B 432 -31.96 6.43 -13.22
N PRO B 433 -30.67 6.31 -13.51
CA PRO B 433 -29.96 5.06 -13.23
C PRO B 433 -29.76 4.81 -11.74
N ILE B 434 -29.77 3.53 -11.39
CA ILE B 434 -29.54 3.06 -10.04
C ILE B 434 -28.18 2.38 -9.99
N GLY B 435 -27.32 2.86 -9.10
CA GLY B 435 -26.01 2.27 -8.91
C GLY B 435 -25.79 1.97 -7.44
N VAL B 436 -24.98 0.95 -7.18
CA VAL B 436 -24.72 0.51 -5.82
C VAL B 436 -23.21 0.30 -5.64
N GLN B 437 -22.82 0.14 -4.38
CA GLN B 437 -21.44 -0.10 -4.00
C GLN B 437 -21.21 -1.57 -3.76
N VAL B 438 -20.13 -2.12 -4.32
CA VAL B 438 -19.63 -3.44 -3.94
C VAL B 438 -18.37 -3.23 -3.12
N ILE B 439 -18.41 -3.67 -1.86
CA ILE B 439 -17.34 -3.41 -0.89
C ILE B 439 -16.64 -4.72 -0.57
N ALA B 440 -15.31 -4.68 -0.51
CA ALA B 440 -14.52 -5.88 -0.23
C ALA B 440 -13.48 -5.56 0.84
N ASP B 441 -12.79 -6.60 1.30
CA ASP B 441 -11.71 -6.46 2.27
C ASP B 441 -10.53 -5.65 1.72
N LEU B 442 -9.67 -5.23 2.65
CA LEU B 442 -8.50 -4.44 2.30
C LEU B 442 -7.64 -5.11 1.24
N TYR B 443 -7.26 -4.34 0.21
CA TYR B 443 -6.42 -4.78 -0.91
C TYR B 443 -7.11 -5.83 -1.79
N GLN B 444 -8.41 -6.03 -1.62
CA GLN B 444 -9.20 -6.99 -2.40
C GLN B 444 -10.01 -6.27 -3.45
N ASP B 445 -9.43 -5.23 -4.04
CA ASP B 445 -10.12 -4.46 -5.06
C ASP B 445 -10.63 -5.35 -6.16
N ARG B 446 -9.84 -6.34 -6.53
CA ARG B 446 -10.23 -7.21 -7.64
C ARG B 446 -11.40 -8.11 -7.27
N THR B 447 -11.51 -8.49 -5.99
CA THR B 447 -12.70 -9.21 -5.55
C THR B 447 -13.96 -8.34 -5.72
N ALA B 448 -13.87 -7.06 -5.36
CA ALA B 448 -15.01 -6.16 -5.54
C ALA B 448 -15.38 -6.04 -7.01
N LEU B 449 -14.37 -5.86 -7.89
CA LEU B 449 -14.64 -5.72 -9.31
C LEU B 449 -15.25 -6.98 -9.89
N ALA B 450 -14.79 -8.15 -9.42
CA ALA B 450 -15.33 -9.42 -9.89
C ALA B 450 -16.78 -9.59 -9.49
N ALA B 451 -17.09 -9.31 -8.22
CA ALA B 451 -18.48 -9.37 -7.79
C ALA B 451 -19.31 -8.29 -8.47
N ALA B 452 -18.70 -7.13 -8.73
CA ALA B 452 -19.40 -6.12 -9.54
C ALA B 452 -19.59 -6.59 -10.97
N ARG B 453 -18.60 -7.32 -11.50
CA ARG B 453 -18.71 -7.88 -12.84
C ARG B 453 -19.91 -8.81 -12.92
N ALA B 454 -20.03 -9.71 -11.95
CA ALA B 454 -21.19 -10.60 -11.90
C ALA B 454 -22.47 -9.83 -11.72
N ALA B 455 -22.47 -8.85 -10.82
CA ALA B 455 -23.71 -8.15 -10.48
C ALA B 455 -24.34 -7.49 -11.69
N HIS B 456 -23.54 -6.78 -12.48
CA HIS B 456 -24.11 -6.07 -13.63
C HIS B 456 -24.55 -7.03 -14.72
N ALA B 457 -23.82 -8.13 -14.90
CA ALA B 457 -24.24 -9.14 -15.87
C ALA B 457 -25.57 -9.76 -15.49
N LEU B 458 -25.77 -10.08 -14.21
CA LEU B 458 -27.04 -10.63 -13.76
C LEU B 458 -28.17 -9.63 -13.92
N ALA B 459 -27.94 -8.37 -13.54
CA ALA B 459 -28.99 -7.36 -13.59
C ALA B 459 -29.43 -7.07 -15.03
N TRP B 460 -28.50 -7.04 -15.98
CA TRP B 460 -28.86 -6.66 -17.34
C TRP B 460 -29.10 -7.83 -18.28
N SER B 461 -28.96 -9.07 -17.83
CA SER B 461 -29.32 -10.24 -18.63
C SER B 461 -30.81 -10.58 -18.51
#